data_3OFW
# 
_entry.id   3OFW 
# 
_audit_conform.dict_name       mmcif_pdbx.dic 
_audit_conform.dict_version    5.399 
_audit_conform.dict_location   http://mmcif.pdb.org/dictionaries/ascii/mmcif_pdbx.dic 
# 
loop_
_database_2.database_id 
_database_2.database_code 
_database_2.pdbx_database_accession 
_database_2.pdbx_DOI 
PDB   3OFW         pdb_00003ofw 10.2210/pdb3ofw/pdb 
RCSB  RCSB061064   ?            ?                   
WWPDB D_1000061064 ?            ?                   
# 
loop_
_pdbx_audit_revision_history.ordinal 
_pdbx_audit_revision_history.data_content_type 
_pdbx_audit_revision_history.major_revision 
_pdbx_audit_revision_history.minor_revision 
_pdbx_audit_revision_history.revision_date 
1 'Structure model' 1 0 2011-08-17 
2 'Structure model' 1 1 2012-11-07 
3 'Structure model' 1 2 2013-01-23 
4 'Structure model' 1 3 2023-09-06 
5 'Structure model' 1 4 2024-11-20 
# 
_pdbx_audit_revision_details.ordinal             1 
_pdbx_audit_revision_details.revision_ordinal    1 
_pdbx_audit_revision_details.data_content_type   'Structure model' 
_pdbx_audit_revision_details.provider            repository 
_pdbx_audit_revision_details.type                'Initial release' 
_pdbx_audit_revision_details.description         ? 
_pdbx_audit_revision_details.details             ? 
# 
loop_
_pdbx_audit_revision_group.ordinal 
_pdbx_audit_revision_group.revision_ordinal 
_pdbx_audit_revision_group.data_content_type 
_pdbx_audit_revision_group.group 
1 2 'Structure model' 'Database references'    
2 3 'Structure model' 'Database references'    
3 4 'Structure model' 'Data collection'        
4 4 'Structure model' 'Database references'    
5 4 'Structure model' 'Derived calculations'   
6 4 'Structure model' 'Refinement description' 
7 5 'Structure model' 'Structure summary'      
# 
loop_
_pdbx_audit_revision_category.ordinal 
_pdbx_audit_revision_category.revision_ordinal 
_pdbx_audit_revision_category.data_content_type 
_pdbx_audit_revision_category.category 
1 4 'Structure model' chem_comp_atom                
2 4 'Structure model' chem_comp_bond                
3 4 'Structure model' database_2                    
4 4 'Structure model' pdbx_initial_refinement_model 
5 4 'Structure model' struct_ref_seq_dif            
6 4 'Structure model' struct_site                   
7 5 'Structure model' pdbx_entry_details            
8 5 'Structure model' pdbx_modification_feature     
# 
loop_
_pdbx_audit_revision_item.ordinal 
_pdbx_audit_revision_item.revision_ordinal 
_pdbx_audit_revision_item.data_content_type 
_pdbx_audit_revision_item.item 
1 4 'Structure model' '_database_2.pdbx_DOI'                
2 4 'Structure model' '_database_2.pdbx_database_accession' 
3 4 'Structure model' '_struct_ref_seq_dif.details'         
4 4 'Structure model' '_struct_site.pdbx_auth_asym_id'      
5 4 'Structure model' '_struct_site.pdbx_auth_comp_id'      
6 4 'Structure model' '_struct_site.pdbx_auth_seq_id'       
# 
_pdbx_database_status.status_code                     REL 
_pdbx_database_status.entry_id                        3OFW 
_pdbx_database_status.recvd_initial_deposition_date   2010-08-16 
_pdbx_database_status.deposit_site                    RCSB 
_pdbx_database_status.process_site                    RCSB 
_pdbx_database_status.status_code_sf                  REL 
_pdbx_database_status.status_code_mr                  ? 
_pdbx_database_status.SG_entry                        ? 
_pdbx_database_status.status_code_cs                  ? 
_pdbx_database_status.methods_development_category    ? 
_pdbx_database_status.pdb_format_compatible           Y 
_pdbx_database_status.status_code_nmr_data            ? 
# 
_pdbx_database_related.db_name        PDB 
_pdbx_database_related.db_id          3M7Q 
_pdbx_database_related.details        'Crystal structure of the same inhibitor in complex with bovine pancreatic trypsin' 
_pdbx_database_related.content_type   unspecified 
# 
loop_
_audit_author.name 
_audit_author.pdbx_ordinal 
'Garcia-Fernandez, R.'      1 
'Redecke, L.'               2 
'Pons, T.'                  3 
'Perbandt, M.'              4 
'Talavera, A.'              5 
'Gil, D.'                   6 
'Gonzalez, Y.'              7 
'de los Angeles Chavez, M.' 8 
'Betzel, C.'                9 
# 
_citation.id                        primary 
_citation.title                     
'Structure of the recombinant BPTI/Kunitz-type inhibitor rShPI-1A from the marine invertebrate Stichodactyla helianthus.' 
_citation.journal_abbrev            'Acta Crystallogr.,Sect.F' 
_citation.journal_volume            68 
_citation.page_first                1289 
_citation.page_last                 1293 
_citation.year                      2012 
_citation.journal_id_ASTM           ? 
_citation.country                   DK 
_citation.journal_id_ISSN           1744-3091 
_citation.journal_id_CSD            ? 
_citation.book_publisher            ? 
_citation.pdbx_database_id_PubMed   23143234 
_citation.pdbx_database_id_DOI      10.1107/S1744309112039085 
# 
loop_
_citation_author.citation_id 
_citation_author.name 
_citation_author.ordinal 
_citation_author.identifier_ORCID 
primary 'Garcia-Fernandez, R.'      1 ? 
primary 'Pons, T.'                  2 ? 
primary 'Meyer, A.'                 3 ? 
primary 'Perbandt, M.'              4 ? 
primary 'Gonzalez-Gonzalez, Y.'     5 ? 
primary 'Gil, D.'                   6 ? 
primary 'de los Angeles Chavez, M.' 7 ? 
primary 'Betzel, C.'                8 ? 
primary 'Redecke, L.'               9 ? 
# 
loop_
_entity.id 
_entity.type 
_entity.src_method 
_entity.pdbx_description 
_entity.formula_weight 
_entity.pdbx_number_of_molecules 
_entity.pdbx_ec 
_entity.pdbx_mutation 
_entity.pdbx_fragment 
_entity.details 
1 polymer     man 'Kunitz-type proteinase inhibitor SHPI-1' 6624.505 1  ? ? ? ? 
2 non-polymer syn 'CHLORIDE ION'                            35.453   3  ? ? ? ? 
3 water       nat water                                     18.015   26 ? ? ? ? 
# 
_entity_poly.entity_id                      1 
_entity_poly.type                           'polypeptide(L)' 
_entity_poly.nstd_linkage                   no 
_entity_poly.nstd_monomer                   no 
_entity_poly.pdbx_seq_one_letter_code       EAEASICSEPKKVGRCKGYFPRFYFDSETGKCTPFIYGGCGGNGNNFETLHQCRAICRLG 
_entity_poly.pdbx_seq_one_letter_code_can   EAEASICSEPKKVGRCKGYFPRFYFDSETGKCTPFIYGGCGGNGNNFETLHQCRAICRLG 
_entity_poly.pdbx_strand_id                 A 
_entity_poly.pdbx_target_identifier         ? 
# 
loop_
_pdbx_entity_nonpoly.entity_id 
_pdbx_entity_nonpoly.name 
_pdbx_entity_nonpoly.comp_id 
2 'CHLORIDE ION' CL  
3 water          HOH 
# 
loop_
_entity_poly_seq.entity_id 
_entity_poly_seq.num 
_entity_poly_seq.mon_id 
_entity_poly_seq.hetero 
1 1  GLU n 
1 2  ALA n 
1 3  GLU n 
1 4  ALA n 
1 5  SER n 
1 6  ILE n 
1 7  CYS n 
1 8  SER n 
1 9  GLU n 
1 10 PRO n 
1 11 LYS n 
1 12 LYS n 
1 13 VAL n 
1 14 GLY n 
1 15 ARG n 
1 16 CYS n 
1 17 LYS n 
1 18 GLY n 
1 19 TYR n 
1 20 PHE n 
1 21 PRO n 
1 22 ARG n 
1 23 PHE n 
1 24 TYR n 
1 25 PHE n 
1 26 ASP n 
1 27 SER n 
1 28 GLU n 
1 29 THR n 
1 30 GLY n 
1 31 LYS n 
1 32 CYS n 
1 33 THR n 
1 34 PRO n 
1 35 PHE n 
1 36 ILE n 
1 37 TYR n 
1 38 GLY n 
1 39 GLY n 
1 40 CYS n 
1 41 GLY n 
1 42 GLY n 
1 43 ASN n 
1 44 GLY n 
1 45 ASN n 
1 46 ASN n 
1 47 PHE n 
1 48 GLU n 
1 49 THR n 
1 50 LEU n 
1 51 HIS n 
1 52 GLN n 
1 53 CYS n 
1 54 ARG n 
1 55 ALA n 
1 56 ILE n 
1 57 CYS n 
1 58 ARG n 
1 59 LEU n 
1 60 GLY n 
# 
_entity_src_gen.entity_id                          1 
_entity_src_gen.pdbx_src_id                        1 
_entity_src_gen.pdbx_alt_source_flag               sample 
_entity_src_gen.pdbx_seq_type                      ? 
_entity_src_gen.pdbx_beg_seq_num                   ? 
_entity_src_gen.pdbx_end_seq_num                   ? 
_entity_src_gen.gene_src_common_name               'Carribean sea anemone' 
_entity_src_gen.gene_src_genus                     ? 
_entity_src_gen.pdbx_gene_src_gene                 ? 
_entity_src_gen.gene_src_species                   ? 
_entity_src_gen.gene_src_strain                    ? 
_entity_src_gen.gene_src_tissue                    ? 
_entity_src_gen.gene_src_tissue_fraction           ? 
_entity_src_gen.gene_src_details                   ? 
_entity_src_gen.pdbx_gene_src_fragment             ? 
_entity_src_gen.pdbx_gene_src_scientific_name      'Stichodactyla helianthus' 
_entity_src_gen.pdbx_gene_src_ncbi_taxonomy_id     6123 
_entity_src_gen.pdbx_gene_src_variant              ? 
_entity_src_gen.pdbx_gene_src_cell_line            ? 
_entity_src_gen.pdbx_gene_src_atcc                 ? 
_entity_src_gen.pdbx_gene_src_organ                ? 
_entity_src_gen.pdbx_gene_src_organelle            ? 
_entity_src_gen.pdbx_gene_src_cell                 ? 
_entity_src_gen.pdbx_gene_src_cellular_location    ? 
_entity_src_gen.host_org_common_name               ? 
_entity_src_gen.pdbx_host_org_scientific_name      'pichia pastoris' 
_entity_src_gen.pdbx_host_org_ncbi_taxonomy_id     4922 
_entity_src_gen.host_org_genus                     ? 
_entity_src_gen.pdbx_host_org_gene                 ? 
_entity_src_gen.pdbx_host_org_organ                ? 
_entity_src_gen.host_org_species                   ? 
_entity_src_gen.pdbx_host_org_tissue               ? 
_entity_src_gen.pdbx_host_org_tissue_fraction      ? 
_entity_src_gen.pdbx_host_org_strain               ? 
_entity_src_gen.pdbx_host_org_variant              ? 
_entity_src_gen.pdbx_host_org_cell_line            ? 
_entity_src_gen.pdbx_host_org_atcc                 ? 
_entity_src_gen.pdbx_host_org_culture_collection   ? 
_entity_src_gen.pdbx_host_org_cell                 ? 
_entity_src_gen.pdbx_host_org_organelle            ? 
_entity_src_gen.pdbx_host_org_cellular_location    ? 
_entity_src_gen.pdbx_host_org_vector_type          ? 
_entity_src_gen.pdbx_host_org_vector               ? 
_entity_src_gen.host_org_details                   ? 
_entity_src_gen.expression_system_id               ? 
_entity_src_gen.plasmid_name                       ? 
_entity_src_gen.plasmid_details                    ? 
_entity_src_gen.pdbx_description                   ? 
# 
loop_
_chem_comp.id 
_chem_comp.type 
_chem_comp.mon_nstd_flag 
_chem_comp.name 
_chem_comp.pdbx_synonyms 
_chem_comp.formula 
_chem_comp.formula_weight 
ALA 'L-peptide linking' y ALANINE         ? 'C3 H7 N O2'     89.093  
ARG 'L-peptide linking' y ARGININE        ? 'C6 H15 N4 O2 1' 175.209 
ASN 'L-peptide linking' y ASPARAGINE      ? 'C4 H8 N2 O3'    132.118 
ASP 'L-peptide linking' y 'ASPARTIC ACID' ? 'C4 H7 N O4'     133.103 
CL  non-polymer         . 'CHLORIDE ION'  ? 'Cl -1'          35.453  
CYS 'L-peptide linking' y CYSTEINE        ? 'C3 H7 N O2 S'   121.158 
GLN 'L-peptide linking' y GLUTAMINE       ? 'C5 H10 N2 O3'   146.144 
GLU 'L-peptide linking' y 'GLUTAMIC ACID' ? 'C5 H9 N O4'     147.129 
GLY 'peptide linking'   y GLYCINE         ? 'C2 H5 N O2'     75.067  
HIS 'L-peptide linking' y HISTIDINE       ? 'C6 H10 N3 O2 1' 156.162 
HOH non-polymer         . WATER           ? 'H2 O'           18.015  
ILE 'L-peptide linking' y ISOLEUCINE      ? 'C6 H13 N O2'    131.173 
LEU 'L-peptide linking' y LEUCINE         ? 'C6 H13 N O2'    131.173 
LYS 'L-peptide linking' y LYSINE          ? 'C6 H15 N2 O2 1' 147.195 
PHE 'L-peptide linking' y PHENYLALANINE   ? 'C9 H11 N O2'    165.189 
PRO 'L-peptide linking' y PROLINE         ? 'C5 H9 N O2'     115.130 
SER 'L-peptide linking' y SERINE          ? 'C3 H7 N O3'     105.093 
THR 'L-peptide linking' y THREONINE       ? 'C4 H9 N O3'     119.119 
TYR 'L-peptide linking' y TYROSINE        ? 'C9 H11 N O3'    181.189 
VAL 'L-peptide linking' y VALINE          ? 'C5 H11 N O2'    117.146 
# 
loop_
_pdbx_poly_seq_scheme.asym_id 
_pdbx_poly_seq_scheme.entity_id 
_pdbx_poly_seq_scheme.seq_id 
_pdbx_poly_seq_scheme.mon_id 
_pdbx_poly_seq_scheme.ndb_seq_num 
_pdbx_poly_seq_scheme.pdb_seq_num 
_pdbx_poly_seq_scheme.auth_seq_num 
_pdbx_poly_seq_scheme.pdb_mon_id 
_pdbx_poly_seq_scheme.auth_mon_id 
_pdbx_poly_seq_scheme.pdb_strand_id 
_pdbx_poly_seq_scheme.pdb_ins_code 
_pdbx_poly_seq_scheme.hetero 
A 1 1  GLU 1  -1 ?  ?   ?   A . n 
A 1 2  ALA 2  0  ?  ?   ?   A . n 
A 1 3  GLU 3  1  1  GLU GLU A . n 
A 1 4  ALA 4  2  2  ALA ALA A . n 
A 1 5  SER 5  3  3  SER SER A . n 
A 1 6  ILE 6  4  4  ILE ILE A . n 
A 1 7  CYS 7  5  5  CYS CYS A . n 
A 1 8  SER 8  6  6  SER SER A . n 
A 1 9  GLU 9  7  7  GLU GLU A . n 
A 1 10 PRO 10 8  8  PRO PRO A . n 
A 1 11 LYS 11 9  9  LYS LYS A . n 
A 1 12 LYS 12 10 10 LYS LYS A . n 
A 1 13 VAL 13 11 11 VAL VAL A . n 
A 1 14 GLY 14 12 12 GLY GLY A . n 
A 1 15 ARG 15 13 13 ARG ARG A . n 
A 1 16 CYS 16 14 14 CYS CYS A . n 
A 1 17 LYS 17 15 15 LYS LYS A . n 
A 1 18 GLY 18 16 16 GLY GLY A . n 
A 1 19 TYR 19 17 17 TYR TYR A . n 
A 1 20 PHE 20 18 18 PHE PHE A . n 
A 1 21 PRO 21 19 19 PRO PRO A . n 
A 1 22 ARG 22 20 20 ARG ARG A . n 
A 1 23 PHE 23 21 21 PHE PHE A . n 
A 1 24 TYR 24 22 22 TYR TYR A . n 
A 1 25 PHE 25 23 23 PHE PHE A . n 
A 1 26 ASP 26 24 24 ASP ASP A . n 
A 1 27 SER 27 25 25 SER SER A . n 
A 1 28 GLU 28 26 26 GLU GLU A . n 
A 1 29 THR 29 27 27 THR THR A . n 
A 1 30 GLY 30 28 28 GLY GLY A . n 
A 1 31 LYS 31 29 29 LYS LYS A . n 
A 1 32 CYS 32 30 30 CYS CYS A . n 
A 1 33 THR 33 31 31 THR THR A . n 
A 1 34 PRO 34 32 32 PRO PRO A . n 
A 1 35 PHE 35 33 33 PHE PHE A . n 
A 1 36 ILE 36 34 34 ILE ILE A . n 
A 1 37 TYR 37 35 35 TYR TYR A . n 
A 1 38 GLY 38 36 36 GLY GLY A . n 
A 1 39 GLY 39 37 37 GLY GLY A . n 
A 1 40 CYS 40 38 38 CYS CYS A . n 
A 1 41 GLY 41 39 39 GLY GLY A . n 
A 1 42 GLY 42 40 40 GLY GLY A . n 
A 1 43 ASN 43 41 41 ASN ASN A . n 
A 1 44 GLY 44 42 42 GLY GLY A . n 
A 1 45 ASN 45 43 43 ASN ASN A . n 
A 1 46 ASN 46 44 44 ASN ASN A . n 
A 1 47 PHE 47 45 45 PHE PHE A . n 
A 1 48 GLU 48 46 46 GLU GLU A . n 
A 1 49 THR 49 47 47 THR THR A . n 
A 1 50 LEU 50 48 48 LEU LEU A . n 
A 1 51 HIS 51 49 49 HIS HIS A . n 
A 1 52 GLN 52 50 50 GLN GLN A . n 
A 1 53 CYS 53 51 51 CYS CYS A . n 
A 1 54 ARG 54 52 52 ARG ARG A . n 
A 1 55 ALA 55 53 53 ALA ALA A . n 
A 1 56 ILE 56 54 54 ILE ILE A . n 
A 1 57 CYS 57 55 55 CYS CYS A . n 
A 1 58 ARG 58 56 56 ARG ARG A . n 
A 1 59 LEU 59 57 ?  ?   ?   A . n 
A 1 60 GLY 60 58 ?  ?   ?   A . n 
# 
loop_
_pdbx_nonpoly_scheme.asym_id 
_pdbx_nonpoly_scheme.entity_id 
_pdbx_nonpoly_scheme.mon_id 
_pdbx_nonpoly_scheme.ndb_seq_num 
_pdbx_nonpoly_scheme.pdb_seq_num 
_pdbx_nonpoly_scheme.auth_seq_num 
_pdbx_nonpoly_scheme.pdb_mon_id 
_pdbx_nonpoly_scheme.auth_mon_id 
_pdbx_nonpoly_scheme.pdb_strand_id 
_pdbx_nonpoly_scheme.pdb_ins_code 
B 2 CL  1  59 1  CL  CL  A . 
C 2 CL  1  60 2  CL  CL  A . 
D 2 CL  1  61 3  CL  CL  A . 
E 3 HOH 1  62 1  HOH HOH A . 
E 3 HOH 2  63 3  HOH HOH A . 
E 3 HOH 3  64 4  HOH HOH A . 
E 3 HOH 4  65 5  HOH HOH A . 
E 3 HOH 5  66 6  HOH HOH A . 
E 3 HOH 6  67 7  HOH HOH A . 
E 3 HOH 7  68 8  HOH HOH A . 
E 3 HOH 8  69 9  HOH HOH A . 
E 3 HOH 9  70 10 HOH HOH A . 
E 3 HOH 10 71 12 HOH HOH A . 
E 3 HOH 11 72 13 HOH HOH A . 
E 3 HOH 12 73 14 HOH HOH A . 
E 3 HOH 13 74 15 HOH HOH A . 
E 3 HOH 14 75 16 HOH HOH A . 
E 3 HOH 15 76 17 HOH HOH A . 
E 3 HOH 16 77 18 HOH HOH A . 
E 3 HOH 17 78 19 HOH HOH A . 
E 3 HOH 18 79 20 HOH HOH A . 
E 3 HOH 19 80 21 HOH HOH A . 
E 3 HOH 20 81 22 HOH HOH A . 
E 3 HOH 21 82 23 HOH HOH A . 
E 3 HOH 22 83 24 HOH HOH A . 
E 3 HOH 23 84 25 HOH HOH A . 
E 3 HOH 24 85 26 HOH HOH A . 
E 3 HOH 25 86 27 HOH HOH A . 
E 3 HOH 26 87 28 HOH HOH A . 
# 
loop_
_software.name 
_software.classification 
_software.version 
_software.citation_id 
_software.pdbx_ordinal 
MAR345dtb 'data collection' .        ? 1 
AMoRE     phasing           .        ? 2 
REFMAC    refinement        5.2.0019 ? 3 
DENZO     'data reduction'  .        ? 4 
SCALA     'data scaling'    .        ? 5 
# 
_cell.entry_id           3OFW 
_cell.length_a           37.158 
_cell.length_b           37.158 
_cell.length_c           114.980 
_cell.angle_alpha        90.00 
_cell.angle_beta         90.00 
_cell.angle_gamma        90.00 
_cell.Z_PDB              8 
_cell.pdbx_unique_axis   ? 
_cell.length_a_esd       ? 
_cell.length_b_esd       ? 
_cell.length_c_esd       ? 
_cell.angle_alpha_esd    ? 
_cell.angle_beta_esd     ? 
_cell.angle_gamma_esd    ? 
# 
_symmetry.entry_id                         3OFW 
_symmetry.space_group_name_H-M             'P 43 21 2' 
_symmetry.pdbx_full_space_group_name_H-M   ? 
_symmetry.cell_setting                     ? 
_symmetry.Int_Tables_number                96 
_symmetry.space_group_name_Hall            ? 
# 
_exptl.entry_id          3OFW 
_exptl.method            'X-RAY DIFFRACTION' 
_exptl.crystals_number   1 
# 
_exptl_crystal.id                    1 
_exptl_crystal.density_meas          ? 
_exptl_crystal.density_Matthews      3.00 
_exptl_crystal.density_percent_sol   58.94 
_exptl_crystal.description           ? 
_exptl_crystal.F_000                 ? 
_exptl_crystal.preparation           ? 
# 
_exptl_crystal_grow.crystal_id      1 
_exptl_crystal_grow.method          'VAPOR DIFFUSION, HANGING DROP' 
_exptl_crystal_grow.temp            288.15 
_exptl_crystal_grow.temp_details    ? 
_exptl_crystal_grow.pH              8.5 
_exptl_crystal_grow.pdbx_details    
'1.7 M ammonium sulphate, 0.1 M Tris-HCl, 6% glycerol, pH 8.5, VAPOR DIFFUSION, HANGING DROP, temperature 288.15K' 
_exptl_crystal_grow.pdbx_pH_range   ? 
# 
_diffrn.id                     1 
_diffrn.ambient_temp           288 
_diffrn.ambient_temp_details   ? 
_diffrn.crystal_id             1 
# 
_diffrn_detector.diffrn_id              1 
_diffrn_detector.detector               'IMAGE PLATE' 
_diffrn_detector.type                   MARRESEARCH 
_diffrn_detector.pdbx_collection_date   2010-05-10 
_diffrn_detector.details                ? 
# 
_diffrn_radiation.diffrn_id                        1 
_diffrn_radiation.wavelength_id                    1 
_diffrn_radiation.pdbx_monochromatic_or_laue_m_l   M 
_diffrn_radiation.monochromator                    graphite 
_diffrn_radiation.pdbx_diffrn_protocol             'SINGLE WAVELENGTH' 
_diffrn_radiation.pdbx_scattering_type             x-ray 
# 
_diffrn_radiation_wavelength.id           1 
_diffrn_radiation_wavelength.wavelength   1.5418 
_diffrn_radiation_wavelength.wt           1.0 
# 
_diffrn_source.diffrn_id                   1 
_diffrn_source.source                      'ROTATING ANODE' 
_diffrn_source.type                        RIGAKU 
_diffrn_source.pdbx_synchrotron_site       ? 
_diffrn_source.pdbx_synchrotron_beamline   ? 
_diffrn_source.pdbx_wavelength             1.5418 
_diffrn_source.pdbx_wavelength_list        ? 
# 
_reflns.entry_id                     3OFW 
_reflns.observed_criterion_sigma_I   ? 
_reflns.observed_criterion_sigma_F   ? 
_reflns.d_resolution_low             35.358 
_reflns.d_resolution_high            2.50 
_reflns.number_obs                   3127 
_reflns.number_all                   ? 
_reflns.percent_possible_obs         ? 
_reflns.pdbx_Rmerge_I_obs            ? 
_reflns.pdbx_Rsym_value              ? 
_reflns.pdbx_netI_over_sigmaI        ? 
_reflns.B_iso_Wilson_estimate        ? 
_reflns.pdbx_redundancy              ? 
_reflns.R_free_details               ? 
_reflns.limit_h_max                  ? 
_reflns.limit_h_min                  ? 
_reflns.limit_k_max                  ? 
_reflns.limit_k_min                  ? 
_reflns.limit_l_max                  ? 
_reflns.limit_l_min                  ? 
_reflns.observed_criterion_F_max     ? 
_reflns.observed_criterion_F_min     ? 
_reflns.pdbx_chi_squared             ? 
_reflns.pdbx_scaling_rejects         ? 
_reflns.pdbx_ordinal                 1 
_reflns.pdbx_diffrn_id               1 
# 
_reflns_shell.d_res_high             2.50 
_reflns_shell.d_res_low              2.64 
_reflns_shell.percent_possible_all   ? 
_reflns_shell.Rmerge_I_obs           ? 
_reflns_shell.pdbx_Rsym_value        ? 
_reflns_shell.meanI_over_sigI_obs    ? 
_reflns_shell.pdbx_redundancy        ? 
_reflns_shell.percent_possible_obs   ? 
_reflns_shell.number_unique_all      ? 
_reflns_shell.number_measured_all    ? 
_reflns_shell.number_measured_obs    ? 
_reflns_shell.number_unique_obs      ? 
_reflns_shell.pdbx_chi_squared       ? 
_reflns_shell.pdbx_ordinal           1 
_reflns_shell.pdbx_diffrn_id         1 
# 
_refine.entry_id                                 3OFW 
_refine.ls_number_reflns_obs                     2955 
_refine.ls_number_reflns_all                     3127 
_refine.pdbx_ls_sigma_I                          ? 
_refine.pdbx_ls_sigma_F                          2.0 
_refine.pdbx_data_cutoff_high_absF               ? 
_refine.pdbx_data_cutoff_low_absF                ? 
_refine.pdbx_data_cutoff_high_rms_absF           ? 
_refine.ls_d_res_low                             35.35 
_refine.ls_d_res_high                            2.50 
_refine.ls_percent_reflns_obs                    98.41 
_refine.ls_R_factor_obs                          0.19118 
_refine.ls_R_factor_all                          ? 
_refine.ls_R_factor_R_work                       0.18972 
_refine.ls_R_factor_R_free                       0.22103 
_refine.ls_R_factor_R_free_error                 ? 
_refine.ls_R_factor_R_free_error_details         ? 
_refine.ls_percent_reflns_R_free                 4.4 
_refine.ls_number_reflns_R_free                  135 
_refine.ls_number_parameters                     ? 
_refine.ls_number_restraints                     ? 
_refine.occupancy_min                            ? 
_refine.occupancy_max                            ? 
_refine.correlation_coeff_Fo_to_Fc               0.940 
_refine.correlation_coeff_Fo_to_Fc_free          0.930 
_refine.B_iso_mean                               21.497 
_refine.aniso_B[1][1]                            1.06 
_refine.aniso_B[2][2]                            1.06 
_refine.aniso_B[3][3]                            -2.12 
_refine.aniso_B[1][2]                            0.00 
_refine.aniso_B[1][3]                            0.00 
_refine.aniso_B[2][3]                            0.00 
_refine.solvent_model_details                    MASK 
_refine.solvent_model_param_ksol                 ? 
_refine.solvent_model_param_bsol                 ? 
_refine.pdbx_solvent_vdw_probe_radii             1.40 
_refine.pdbx_solvent_ion_probe_radii             0.80 
_refine.pdbx_solvent_shrinkage_radii             0.80 
_refine.pdbx_ls_cross_valid_method               THROUGHOUT 
_refine.details                                  'HYDROGENS HAVE BEEN ADDED IN THE RIDING POSITIONS' 
_refine.pdbx_starting_model                      'PDB entry 1SHP' 
_refine.pdbx_method_to_determine_struct          'MOLECULAR REPLACEMENT' 
_refine.pdbx_isotropic_thermal_model             ? 
_refine.pdbx_stereochemistry_target_values       'MAXIMUM LIKELIHOOD' 
_refine.pdbx_stereochem_target_val_spec_case     ? 
_refine.pdbx_R_Free_selection_details            RANDOM 
_refine.pdbx_overall_ESU_R_Free                  0.226 
_refine.overall_SU_ML                            0.156 
_refine.overall_SU_B                             7.250 
_refine.overall_SU_R_Cruickshank_DPI             ? 
_refine.ls_redundancy_reflns_obs                 ? 
_refine.B_iso_min                                ? 
_refine.B_iso_max                                ? 
_refine.overall_SU_R_free                        ? 
_refine.ls_wR_factor_R_free                      ? 
_refine.ls_wR_factor_R_work                      ? 
_refine.overall_FOM_free_R_set                   ? 
_refine.overall_FOM_work_R_set                   ? 
_refine.pdbx_overall_phase_error                 ? 
_refine.pdbx_refine_id                           'X-RAY DIFFRACTION' 
_refine.pdbx_diffrn_id                           1 
_refine.pdbx_overall_ESU_R                       ? 
_refine.pdbx_TLS_residual_ADP_flag               ? 
_refine.pdbx_overall_SU_R_free_Cruickshank_DPI   ? 
_refine.pdbx_overall_SU_R_Blow_DPI               ? 
_refine.pdbx_overall_SU_R_free_Blow_DPI          ? 
# 
_refine_hist.pdbx_refine_id                   'X-RAY DIFFRACTION' 
_refine_hist.cycle_id                         LAST 
_refine_hist.pdbx_number_atoms_protein        435 
_refine_hist.pdbx_number_atoms_nucleic_acid   0 
_refine_hist.pdbx_number_atoms_ligand         3 
_refine_hist.number_atoms_solvent             26 
_refine_hist.number_atoms_total               464 
_refine_hist.d_res_high                       2.50 
_refine_hist.d_res_low                        35.35 
# 
loop_
_refine_ls_restr.type 
_refine_ls_restr.dev_ideal 
_refine_ls_restr.dev_ideal_target 
_refine_ls_restr.weight 
_refine_ls_restr.number 
_refine_ls_restr.pdbx_refine_id 
_refine_ls_restr.pdbx_restraint_function 
r_bond_refined_d         0.012  0.022  ? 459 'X-RAY DIFFRACTION' ? 
r_angle_refined_deg      1.402  1.944  ? 616 'X-RAY DIFFRACTION' ? 
r_dihedral_angle_1_deg   7.190  5.000  ? 57  'X-RAY DIFFRACTION' ? 
r_dihedral_angle_2_deg   30.518 22.273 ? 22  'X-RAY DIFFRACTION' ? 
r_dihedral_angle_3_deg   20.866 15.000 ? 76  'X-RAY DIFFRACTION' ? 
r_dihedral_angle_4_deg   17.746 15.000 ? 4   'X-RAY DIFFRACTION' ? 
r_chiral_restr           0.105  0.200  ? 57  'X-RAY DIFFRACTION' ? 
r_gen_planes_refined     0.005  0.020  ? 361 'X-RAY DIFFRACTION' ? 
r_nbd_refined            0.192  0.200  ? 153 'X-RAY DIFFRACTION' ? 
r_nbtor_refined          0.319  0.200  ? 305 'X-RAY DIFFRACTION' ? 
r_xyhbond_nbd_refined    0.186  0.200  ? 22  'X-RAY DIFFRACTION' ? 
r_symmetry_vdw_refined   0.230  0.200  ? 22  'X-RAY DIFFRACTION' ? 
r_symmetry_hbond_refined 0.354  0.200  ? 6   'X-RAY DIFFRACTION' ? 
r_mcbond_it              0.904  1.500  ? 288 'X-RAY DIFFRACTION' ? 
r_mcangle_it             1.533  2.000  ? 446 'X-RAY DIFFRACTION' ? 
r_scbond_it              2.030  3.000  ? 193 'X-RAY DIFFRACTION' ? 
r_scangle_it             3.478  4.500  ? 170 'X-RAY DIFFRACTION' ? 
# 
_refine_ls_shell.pdbx_total_number_of_bins_used   20 
_refine_ls_shell.d_res_high                       2.50 
_refine_ls_shell.d_res_low                        2.566 
_refine_ls_shell.number_reflns_R_work             210 
_refine_ls_shell.R_factor_R_work                  0.249 
_refine_ls_shell.percent_reflns_obs               100.00 
_refine_ls_shell.R_factor_R_free                  0.508 
_refine_ls_shell.R_factor_R_free_error            ? 
_refine_ls_shell.percent_reflns_R_free            ? 
_refine_ls_shell.number_reflns_R_free             6 
_refine_ls_shell.number_reflns_all                ? 
_refine_ls_shell.R_factor_all                     ? 
_refine_ls_shell.number_reflns_obs                ? 
_refine_ls_shell.redundancy_reflns_obs            ? 
_refine_ls_shell.pdbx_refine_id                   'X-RAY DIFFRACTION' 
# 
_struct.entry_id                  3OFW 
_struct.title                     
'Crystal structure of recombinant Kunitz Type serine protease Inhibitor-1 from the Carribean sea anemone stichodactyla helianthus' 
_struct.pdbx_model_details        ? 
_struct.pdbx_CASP_flag            ? 
_struct.pdbx_model_type_details   ? 
# 
_struct_keywords.entry_id        3OFW 
_struct_keywords.pdbx_keywords   'HYDROLASE/HYDROLASE INHIBITOR' 
_struct_keywords.text            'Kunitz Type, serine protease inhibitor, serine protease, HYDROLASE-HYDROLASE INHIBITOR complex' 
# 
loop_
_struct_asym.id 
_struct_asym.pdbx_blank_PDB_chainid_flag 
_struct_asym.pdbx_modified 
_struct_asym.entity_id 
_struct_asym.details 
A N N 1 ? 
B N N 2 ? 
C N N 2 ? 
D N N 2 ? 
E N N 3 ? 
# 
_struct_ref.id                         1 
_struct_ref.db_name                    UNP 
_struct_ref.db_code                    ISH1_STOHE 
_struct_ref.pdbx_db_accession          P31713 
_struct_ref.entity_id                  1 
_struct_ref.pdbx_seq_one_letter_code   SICSEPKKVGRCKGYFPRFYFDSETGKCTPFIYGGCGGNGNNFETLHQCRAICR 
_struct_ref.pdbx_align_begin           1 
_struct_ref.pdbx_db_isoform            ? 
# 
_struct_ref_seq.align_id                      1 
_struct_ref_seq.ref_id                        1 
_struct_ref_seq.pdbx_PDB_id_code              3OFW 
_struct_ref_seq.pdbx_strand_id                A 
_struct_ref_seq.seq_align_beg                 5 
_struct_ref_seq.pdbx_seq_align_beg_ins_code   ? 
_struct_ref_seq.seq_align_end                 58 
_struct_ref_seq.pdbx_seq_align_end_ins_code   ? 
_struct_ref_seq.pdbx_db_accession             P31713 
_struct_ref_seq.db_align_beg                  1 
_struct_ref_seq.pdbx_db_align_beg_ins_code    ? 
_struct_ref_seq.db_align_end                  54 
_struct_ref_seq.pdbx_db_align_end_ins_code    ? 
_struct_ref_seq.pdbx_auth_seq_align_beg       3 
_struct_ref_seq.pdbx_auth_seq_align_end       56 
# 
loop_
_struct_ref_seq_dif.align_id 
_struct_ref_seq_dif.pdbx_pdb_id_code 
_struct_ref_seq_dif.mon_id 
_struct_ref_seq_dif.pdbx_pdb_strand_id 
_struct_ref_seq_dif.seq_num 
_struct_ref_seq_dif.pdbx_pdb_ins_code 
_struct_ref_seq_dif.pdbx_seq_db_name 
_struct_ref_seq_dif.pdbx_seq_db_accession_code 
_struct_ref_seq_dif.db_mon_id 
_struct_ref_seq_dif.pdbx_seq_db_seq_num 
_struct_ref_seq_dif.details 
_struct_ref_seq_dif.pdbx_auth_seq_num 
_struct_ref_seq_dif.pdbx_ordinal 
1 3OFW GLU A 1  ? UNP P31713 ? ? 'expression tag' -1 1 
1 3OFW ALA A 2  ? UNP P31713 ? ? 'expression tag' 0  2 
1 3OFW GLU A 3  ? UNP P31713 ? ? 'expression tag' 1  3 
1 3OFW ALA A 4  ? UNP P31713 ? ? 'expression tag' 2  4 
1 3OFW LEU A 59 ? UNP P31713 ? ? 'expression tag' 57 5 
1 3OFW GLY A 60 ? UNP P31713 ? ? 'expression tag' 58 6 
# 
_pdbx_struct_assembly.id                   1 
_pdbx_struct_assembly.details              author_defined_assembly 
_pdbx_struct_assembly.method_details       ? 
_pdbx_struct_assembly.oligomeric_details   monomeric 
_pdbx_struct_assembly.oligomeric_count     1 
# 
_pdbx_struct_assembly_gen.assembly_id       1 
_pdbx_struct_assembly_gen.oper_expression   1 
_pdbx_struct_assembly_gen.asym_id_list      A,B,C,D,E 
# 
_pdbx_struct_oper_list.id                   1 
_pdbx_struct_oper_list.type                 'identity operation' 
_pdbx_struct_oper_list.name                 1_555 
_pdbx_struct_oper_list.symmetry_operation   x,y,z 
_pdbx_struct_oper_list.matrix[1][1]         1.0000000000 
_pdbx_struct_oper_list.matrix[1][2]         0.0000000000 
_pdbx_struct_oper_list.matrix[1][3]         0.0000000000 
_pdbx_struct_oper_list.vector[1]            0.0000000000 
_pdbx_struct_oper_list.matrix[2][1]         0.0000000000 
_pdbx_struct_oper_list.matrix[2][2]         1.0000000000 
_pdbx_struct_oper_list.matrix[2][3]         0.0000000000 
_pdbx_struct_oper_list.vector[2]            0.0000000000 
_pdbx_struct_oper_list.matrix[3][1]         0.0000000000 
_pdbx_struct_oper_list.matrix[3][2]         0.0000000000 
_pdbx_struct_oper_list.matrix[3][3]         1.0000000000 
_pdbx_struct_oper_list.vector[3]            0.0000000000 
# 
_struct_biol.id        1 
_struct_biol.details   ? 
# 
loop_
_struct_conf.conf_type_id 
_struct_conf.id 
_struct_conf.pdbx_PDB_helix_id 
_struct_conf.beg_label_comp_id 
_struct_conf.beg_label_asym_id 
_struct_conf.beg_label_seq_id 
_struct_conf.pdbx_beg_PDB_ins_code 
_struct_conf.end_label_comp_id 
_struct_conf.end_label_asym_id 
_struct_conf.end_label_seq_id 
_struct_conf.pdbx_end_PDB_ins_code 
_struct_conf.beg_auth_comp_id 
_struct_conf.beg_auth_asym_id 
_struct_conf.beg_auth_seq_id 
_struct_conf.end_auth_comp_id 
_struct_conf.end_auth_asym_id 
_struct_conf.end_auth_seq_id 
_struct_conf.pdbx_PDB_helix_class 
_struct_conf.details 
_struct_conf.pdbx_PDB_helix_length 
HELX_P HELX_P1 1 ALA A 4  ? GLU A 9  ? ALA A 2  GLU A 7  5 ? 6  
HELX_P HELX_P2 2 THR A 49 ? ARG A 58 ? THR A 47 ARG A 56 1 ? 10 
# 
_struct_conf_type.id          HELX_P 
_struct_conf_type.criteria    ? 
_struct_conf_type.reference   ? 
# 
loop_
_struct_conn.id 
_struct_conn.conn_type_id 
_struct_conn.pdbx_leaving_atom_flag 
_struct_conn.pdbx_PDB_id 
_struct_conn.ptnr1_label_asym_id 
_struct_conn.ptnr1_label_comp_id 
_struct_conn.ptnr1_label_seq_id 
_struct_conn.ptnr1_label_atom_id 
_struct_conn.pdbx_ptnr1_label_alt_id 
_struct_conn.pdbx_ptnr1_PDB_ins_code 
_struct_conn.pdbx_ptnr1_standard_comp_id 
_struct_conn.ptnr1_symmetry 
_struct_conn.ptnr2_label_asym_id 
_struct_conn.ptnr2_label_comp_id 
_struct_conn.ptnr2_label_seq_id 
_struct_conn.ptnr2_label_atom_id 
_struct_conn.pdbx_ptnr2_label_alt_id 
_struct_conn.pdbx_ptnr2_PDB_ins_code 
_struct_conn.ptnr1_auth_asym_id 
_struct_conn.ptnr1_auth_comp_id 
_struct_conn.ptnr1_auth_seq_id 
_struct_conn.ptnr2_auth_asym_id 
_struct_conn.ptnr2_auth_comp_id 
_struct_conn.ptnr2_auth_seq_id 
_struct_conn.ptnr2_symmetry 
_struct_conn.pdbx_ptnr3_label_atom_id 
_struct_conn.pdbx_ptnr3_label_seq_id 
_struct_conn.pdbx_ptnr3_label_comp_id 
_struct_conn.pdbx_ptnr3_label_asym_id 
_struct_conn.pdbx_ptnr3_label_alt_id 
_struct_conn.pdbx_ptnr3_PDB_ins_code 
_struct_conn.details 
_struct_conn.pdbx_dist_value 
_struct_conn.pdbx_value_order 
_struct_conn.pdbx_role 
disulf1 disulf ? ? A CYS 7  SG ? ? ? 1_555 A CYS 57 SG ? ? A CYS 5  A CYS 55 1_555 ? ? ? ? ? ? ? 2.028 ? ? 
disulf2 disulf ? ? A CYS 16 SG ? ? ? 1_555 A CYS 40 SG ? ? A CYS 14 A CYS 38 1_555 ? ? ? ? ? ? ? 1.991 ? ? 
disulf3 disulf ? ? A CYS 32 SG ? ? ? 1_555 A CYS 53 SG ? ? A CYS 30 A CYS 51 1_555 ? ? ? ? ? ? ? 2.050 ? ? 
# 
_struct_conn_type.id          disulf 
_struct_conn_type.criteria    ? 
_struct_conn_type.reference   ? 
# 
loop_
_pdbx_modification_feature.ordinal 
_pdbx_modification_feature.label_comp_id 
_pdbx_modification_feature.label_asym_id 
_pdbx_modification_feature.label_seq_id 
_pdbx_modification_feature.label_alt_id 
_pdbx_modification_feature.modified_residue_label_comp_id 
_pdbx_modification_feature.modified_residue_label_asym_id 
_pdbx_modification_feature.modified_residue_label_seq_id 
_pdbx_modification_feature.modified_residue_label_alt_id 
_pdbx_modification_feature.auth_comp_id 
_pdbx_modification_feature.auth_asym_id 
_pdbx_modification_feature.auth_seq_id 
_pdbx_modification_feature.PDB_ins_code 
_pdbx_modification_feature.symmetry 
_pdbx_modification_feature.modified_residue_auth_comp_id 
_pdbx_modification_feature.modified_residue_auth_asym_id 
_pdbx_modification_feature.modified_residue_auth_seq_id 
_pdbx_modification_feature.modified_residue_PDB_ins_code 
_pdbx_modification_feature.modified_residue_symmetry 
_pdbx_modification_feature.comp_id_linking_atom 
_pdbx_modification_feature.modified_residue_id_linking_atom 
_pdbx_modification_feature.modified_residue_id 
_pdbx_modification_feature.ref_pcm_id 
_pdbx_modification_feature.ref_comp_id 
_pdbx_modification_feature.type 
_pdbx_modification_feature.category 
1 CYS A 7  ? CYS A 57 ? CYS A 5  ? 1_555 CYS A 55 ? 1_555 SG SG . . . None 'Disulfide bridge' 
2 CYS A 16 ? CYS A 40 ? CYS A 14 ? 1_555 CYS A 38 ? 1_555 SG SG . . . None 'Disulfide bridge' 
3 CYS A 32 ? CYS A 53 ? CYS A 30 ? 1_555 CYS A 51 ? 1_555 SG SG . . . None 'Disulfide bridge' 
# 
_struct_sheet.id               A 
_struct_sheet.type             ? 
_struct_sheet.number_strands   2 
_struct_sheet.details          ? 
# 
_struct_sheet_order.sheet_id     A 
_struct_sheet_order.range_id_1   1 
_struct_sheet_order.range_id_2   2 
_struct_sheet_order.offset       ? 
_struct_sheet_order.sense        anti-parallel 
# 
loop_
_struct_sheet_range.sheet_id 
_struct_sheet_range.id 
_struct_sheet_range.beg_label_comp_id 
_struct_sheet_range.beg_label_asym_id 
_struct_sheet_range.beg_label_seq_id 
_struct_sheet_range.pdbx_beg_PDB_ins_code 
_struct_sheet_range.end_label_comp_id 
_struct_sheet_range.end_label_asym_id 
_struct_sheet_range.end_label_seq_id 
_struct_sheet_range.pdbx_end_PDB_ins_code 
_struct_sheet_range.beg_auth_comp_id 
_struct_sheet_range.beg_auth_asym_id 
_struct_sheet_range.beg_auth_seq_id 
_struct_sheet_range.end_auth_comp_id 
_struct_sheet_range.end_auth_asym_id 
_struct_sheet_range.end_auth_seq_id 
A 1 PHE A 20 ? ASP A 26 ? PHE A 18 ASP A 24 
A 2 LYS A 31 ? TYR A 37 ? LYS A 29 TYR A 35 
# 
_pdbx_struct_sheet_hbond.sheet_id                A 
_pdbx_struct_sheet_hbond.range_id_1              1 
_pdbx_struct_sheet_hbond.range_id_2              2 
_pdbx_struct_sheet_hbond.range_1_label_atom_id   N 
_pdbx_struct_sheet_hbond.range_1_label_comp_id   TYR 
_pdbx_struct_sheet_hbond.range_1_label_asym_id   A 
_pdbx_struct_sheet_hbond.range_1_label_seq_id    24 
_pdbx_struct_sheet_hbond.range_1_PDB_ins_code    ? 
_pdbx_struct_sheet_hbond.range_1_auth_atom_id    N 
_pdbx_struct_sheet_hbond.range_1_auth_comp_id    TYR 
_pdbx_struct_sheet_hbond.range_1_auth_asym_id    A 
_pdbx_struct_sheet_hbond.range_1_auth_seq_id     22 
_pdbx_struct_sheet_hbond.range_2_label_atom_id   O 
_pdbx_struct_sheet_hbond.range_2_label_comp_id   THR 
_pdbx_struct_sheet_hbond.range_2_label_asym_id   A 
_pdbx_struct_sheet_hbond.range_2_label_seq_id    33 
_pdbx_struct_sheet_hbond.range_2_PDB_ins_code    ? 
_pdbx_struct_sheet_hbond.range_2_auth_atom_id    O 
_pdbx_struct_sheet_hbond.range_2_auth_comp_id    THR 
_pdbx_struct_sheet_hbond.range_2_auth_asym_id    A 
_pdbx_struct_sheet_hbond.range_2_auth_seq_id     31 
# 
loop_
_struct_site.id 
_struct_site.pdbx_evidence_code 
_struct_site.pdbx_auth_asym_id 
_struct_site.pdbx_auth_comp_id 
_struct_site.pdbx_auth_seq_id 
_struct_site.pdbx_auth_ins_code 
_struct_site.pdbx_num_residues 
_struct_site.details 
AC1 Software A CL 60 ? 2 'BINDING SITE FOR RESIDUE CL A 60' 
AC2 Software A CL 61 ? 2 'BINDING SITE FOR RESIDUE CL A 61' 
# 
loop_
_struct_site_gen.id 
_struct_site_gen.site_id 
_struct_site_gen.pdbx_num_res 
_struct_site_gen.label_comp_id 
_struct_site_gen.label_asym_id 
_struct_site_gen.label_seq_id 
_struct_site_gen.pdbx_auth_ins_code 
_struct_site_gen.auth_comp_id 
_struct_site_gen.auth_asym_id 
_struct_site_gen.auth_seq_id 
_struct_site_gen.label_atom_id 
_struct_site_gen.label_alt_id 
_struct_site_gen.symmetry 
_struct_site_gen.details 
1 AC1 2 THR A 49 ? THR A 47 . ? 6_555 ? 
2 AC1 2 HOH E .  ? HOH A 64 . ? 6_555 ? 
3 AC2 2 HIS A 51 ? HIS A 49 . ? 1_555 ? 
4 AC2 2 ARG A 54 ? ARG A 52 . ? 1_555 ? 
# 
_pdbx_entry_details.entry_id                   3OFW 
_pdbx_entry_details.compound_details           ? 
_pdbx_entry_details.source_details             ? 
_pdbx_entry_details.nonpolymer_details         ? 
_pdbx_entry_details.sequence_details           ? 
_pdbx_entry_details.has_ligand_of_interest     ? 
_pdbx_entry_details.has_protein_modification   Y 
# 
loop_
_pdbx_validate_close_contact.id 
_pdbx_validate_close_contact.PDB_model_num 
_pdbx_validate_close_contact.auth_atom_id_1 
_pdbx_validate_close_contact.auth_asym_id_1 
_pdbx_validate_close_contact.auth_comp_id_1 
_pdbx_validate_close_contact.auth_seq_id_1 
_pdbx_validate_close_contact.PDB_ins_code_1 
_pdbx_validate_close_contact.label_alt_id_1 
_pdbx_validate_close_contact.auth_atom_id_2 
_pdbx_validate_close_contact.auth_asym_id_2 
_pdbx_validate_close_contact.auth_comp_id_2 
_pdbx_validate_close_contact.auth_seq_id_2 
_pdbx_validate_close_contact.PDB_ins_code_2 
_pdbx_validate_close_contact.label_alt_id_2 
_pdbx_validate_close_contact.dist 
1 1 OE2 A GLU 1 ? ? O A HOH 78 ? ? 2.04 
2 1 O   A GLU 1 ? ? O A HOH 76 ? ? 2.11 
# 
loop_
_pdbx_validate_torsion.id 
_pdbx_validate_torsion.PDB_model_num 
_pdbx_validate_torsion.auth_comp_id 
_pdbx_validate_torsion.auth_asym_id 
_pdbx_validate_torsion.auth_seq_id 
_pdbx_validate_torsion.PDB_ins_code 
_pdbx_validate_torsion.label_alt_id 
_pdbx_validate_torsion.phi 
_pdbx_validate_torsion.psi 
1 1 ALA A 2  ? ? 160.04  8.68    
2 1 ASN A 41 ? ? -120.38 -158.77 
3 1 ASN A 44 ? ? -163.41 106.85  
# 
loop_
_pdbx_unobs_or_zero_occ_residues.id 
_pdbx_unobs_or_zero_occ_residues.PDB_model_num 
_pdbx_unobs_or_zero_occ_residues.polymer_flag 
_pdbx_unobs_or_zero_occ_residues.occupancy_flag 
_pdbx_unobs_or_zero_occ_residues.auth_asym_id 
_pdbx_unobs_or_zero_occ_residues.auth_comp_id 
_pdbx_unobs_or_zero_occ_residues.auth_seq_id 
_pdbx_unobs_or_zero_occ_residues.PDB_ins_code 
_pdbx_unobs_or_zero_occ_residues.label_asym_id 
_pdbx_unobs_or_zero_occ_residues.label_comp_id 
_pdbx_unobs_or_zero_occ_residues.label_seq_id 
1 1 Y 1 A GLU -1 ? A GLU 1  
2 1 Y 1 A ALA 0  ? A ALA 2  
3 1 Y 1 A LEU 57 ? A LEU 59 
4 1 Y 1 A GLY 58 ? A GLY 60 
# 
loop_
_chem_comp_atom.comp_id 
_chem_comp_atom.atom_id 
_chem_comp_atom.type_symbol 
_chem_comp_atom.pdbx_aromatic_flag 
_chem_comp_atom.pdbx_stereo_config 
_chem_comp_atom.pdbx_ordinal 
ALA N    N  N N 1   
ALA CA   C  N S 2   
ALA C    C  N N 3   
ALA O    O  N N 4   
ALA CB   C  N N 5   
ALA OXT  O  N N 6   
ALA H    H  N N 7   
ALA H2   H  N N 8   
ALA HA   H  N N 9   
ALA HB1  H  N N 10  
ALA HB2  H  N N 11  
ALA HB3  H  N N 12  
ALA HXT  H  N N 13  
ARG N    N  N N 14  
ARG CA   C  N S 15  
ARG C    C  N N 16  
ARG O    O  N N 17  
ARG CB   C  N N 18  
ARG CG   C  N N 19  
ARG CD   C  N N 20  
ARG NE   N  N N 21  
ARG CZ   C  N N 22  
ARG NH1  N  N N 23  
ARG NH2  N  N N 24  
ARG OXT  O  N N 25  
ARG H    H  N N 26  
ARG H2   H  N N 27  
ARG HA   H  N N 28  
ARG HB2  H  N N 29  
ARG HB3  H  N N 30  
ARG HG2  H  N N 31  
ARG HG3  H  N N 32  
ARG HD2  H  N N 33  
ARG HD3  H  N N 34  
ARG HE   H  N N 35  
ARG HH11 H  N N 36  
ARG HH12 H  N N 37  
ARG HH21 H  N N 38  
ARG HH22 H  N N 39  
ARG HXT  H  N N 40  
ASN N    N  N N 41  
ASN CA   C  N S 42  
ASN C    C  N N 43  
ASN O    O  N N 44  
ASN CB   C  N N 45  
ASN CG   C  N N 46  
ASN OD1  O  N N 47  
ASN ND2  N  N N 48  
ASN OXT  O  N N 49  
ASN H    H  N N 50  
ASN H2   H  N N 51  
ASN HA   H  N N 52  
ASN HB2  H  N N 53  
ASN HB3  H  N N 54  
ASN HD21 H  N N 55  
ASN HD22 H  N N 56  
ASN HXT  H  N N 57  
ASP N    N  N N 58  
ASP CA   C  N S 59  
ASP C    C  N N 60  
ASP O    O  N N 61  
ASP CB   C  N N 62  
ASP CG   C  N N 63  
ASP OD1  O  N N 64  
ASP OD2  O  N N 65  
ASP OXT  O  N N 66  
ASP H    H  N N 67  
ASP H2   H  N N 68  
ASP HA   H  N N 69  
ASP HB2  H  N N 70  
ASP HB3  H  N N 71  
ASP HD2  H  N N 72  
ASP HXT  H  N N 73  
CL  CL   CL N N 74  
CYS N    N  N N 75  
CYS CA   C  N R 76  
CYS C    C  N N 77  
CYS O    O  N N 78  
CYS CB   C  N N 79  
CYS SG   S  N N 80  
CYS OXT  O  N N 81  
CYS H    H  N N 82  
CYS H2   H  N N 83  
CYS HA   H  N N 84  
CYS HB2  H  N N 85  
CYS HB3  H  N N 86  
CYS HG   H  N N 87  
CYS HXT  H  N N 88  
GLN N    N  N N 89  
GLN CA   C  N S 90  
GLN C    C  N N 91  
GLN O    O  N N 92  
GLN CB   C  N N 93  
GLN CG   C  N N 94  
GLN CD   C  N N 95  
GLN OE1  O  N N 96  
GLN NE2  N  N N 97  
GLN OXT  O  N N 98  
GLN H    H  N N 99  
GLN H2   H  N N 100 
GLN HA   H  N N 101 
GLN HB2  H  N N 102 
GLN HB3  H  N N 103 
GLN HG2  H  N N 104 
GLN HG3  H  N N 105 
GLN HE21 H  N N 106 
GLN HE22 H  N N 107 
GLN HXT  H  N N 108 
GLU N    N  N N 109 
GLU CA   C  N S 110 
GLU C    C  N N 111 
GLU O    O  N N 112 
GLU CB   C  N N 113 
GLU CG   C  N N 114 
GLU CD   C  N N 115 
GLU OE1  O  N N 116 
GLU OE2  O  N N 117 
GLU OXT  O  N N 118 
GLU H    H  N N 119 
GLU H2   H  N N 120 
GLU HA   H  N N 121 
GLU HB2  H  N N 122 
GLU HB3  H  N N 123 
GLU HG2  H  N N 124 
GLU HG3  H  N N 125 
GLU HE2  H  N N 126 
GLU HXT  H  N N 127 
GLY N    N  N N 128 
GLY CA   C  N N 129 
GLY C    C  N N 130 
GLY O    O  N N 131 
GLY OXT  O  N N 132 
GLY H    H  N N 133 
GLY H2   H  N N 134 
GLY HA2  H  N N 135 
GLY HA3  H  N N 136 
GLY HXT  H  N N 137 
HIS N    N  N N 138 
HIS CA   C  N S 139 
HIS C    C  N N 140 
HIS O    O  N N 141 
HIS CB   C  N N 142 
HIS CG   C  Y N 143 
HIS ND1  N  Y N 144 
HIS CD2  C  Y N 145 
HIS CE1  C  Y N 146 
HIS NE2  N  Y N 147 
HIS OXT  O  N N 148 
HIS H    H  N N 149 
HIS H2   H  N N 150 
HIS HA   H  N N 151 
HIS HB2  H  N N 152 
HIS HB3  H  N N 153 
HIS HD1  H  N N 154 
HIS HD2  H  N N 155 
HIS HE1  H  N N 156 
HIS HE2  H  N N 157 
HIS HXT  H  N N 158 
HOH O    O  N N 159 
HOH H1   H  N N 160 
HOH H2   H  N N 161 
ILE N    N  N N 162 
ILE CA   C  N S 163 
ILE C    C  N N 164 
ILE O    O  N N 165 
ILE CB   C  N S 166 
ILE CG1  C  N N 167 
ILE CG2  C  N N 168 
ILE CD1  C  N N 169 
ILE OXT  O  N N 170 
ILE H    H  N N 171 
ILE H2   H  N N 172 
ILE HA   H  N N 173 
ILE HB   H  N N 174 
ILE HG12 H  N N 175 
ILE HG13 H  N N 176 
ILE HG21 H  N N 177 
ILE HG22 H  N N 178 
ILE HG23 H  N N 179 
ILE HD11 H  N N 180 
ILE HD12 H  N N 181 
ILE HD13 H  N N 182 
ILE HXT  H  N N 183 
LEU N    N  N N 184 
LEU CA   C  N S 185 
LEU C    C  N N 186 
LEU O    O  N N 187 
LEU CB   C  N N 188 
LEU CG   C  N N 189 
LEU CD1  C  N N 190 
LEU CD2  C  N N 191 
LEU OXT  O  N N 192 
LEU H    H  N N 193 
LEU H2   H  N N 194 
LEU HA   H  N N 195 
LEU HB2  H  N N 196 
LEU HB3  H  N N 197 
LEU HG   H  N N 198 
LEU HD11 H  N N 199 
LEU HD12 H  N N 200 
LEU HD13 H  N N 201 
LEU HD21 H  N N 202 
LEU HD22 H  N N 203 
LEU HD23 H  N N 204 
LEU HXT  H  N N 205 
LYS N    N  N N 206 
LYS CA   C  N S 207 
LYS C    C  N N 208 
LYS O    O  N N 209 
LYS CB   C  N N 210 
LYS CG   C  N N 211 
LYS CD   C  N N 212 
LYS CE   C  N N 213 
LYS NZ   N  N N 214 
LYS OXT  O  N N 215 
LYS H    H  N N 216 
LYS H2   H  N N 217 
LYS HA   H  N N 218 
LYS HB2  H  N N 219 
LYS HB3  H  N N 220 
LYS HG2  H  N N 221 
LYS HG3  H  N N 222 
LYS HD2  H  N N 223 
LYS HD3  H  N N 224 
LYS HE2  H  N N 225 
LYS HE3  H  N N 226 
LYS HZ1  H  N N 227 
LYS HZ2  H  N N 228 
LYS HZ3  H  N N 229 
LYS HXT  H  N N 230 
PHE N    N  N N 231 
PHE CA   C  N S 232 
PHE C    C  N N 233 
PHE O    O  N N 234 
PHE CB   C  N N 235 
PHE CG   C  Y N 236 
PHE CD1  C  Y N 237 
PHE CD2  C  Y N 238 
PHE CE1  C  Y N 239 
PHE CE2  C  Y N 240 
PHE CZ   C  Y N 241 
PHE OXT  O  N N 242 
PHE H    H  N N 243 
PHE H2   H  N N 244 
PHE HA   H  N N 245 
PHE HB2  H  N N 246 
PHE HB3  H  N N 247 
PHE HD1  H  N N 248 
PHE HD2  H  N N 249 
PHE HE1  H  N N 250 
PHE HE2  H  N N 251 
PHE HZ   H  N N 252 
PHE HXT  H  N N 253 
PRO N    N  N N 254 
PRO CA   C  N S 255 
PRO C    C  N N 256 
PRO O    O  N N 257 
PRO CB   C  N N 258 
PRO CG   C  N N 259 
PRO CD   C  N N 260 
PRO OXT  O  N N 261 
PRO H    H  N N 262 
PRO HA   H  N N 263 
PRO HB2  H  N N 264 
PRO HB3  H  N N 265 
PRO HG2  H  N N 266 
PRO HG3  H  N N 267 
PRO HD2  H  N N 268 
PRO HD3  H  N N 269 
PRO HXT  H  N N 270 
SER N    N  N N 271 
SER CA   C  N S 272 
SER C    C  N N 273 
SER O    O  N N 274 
SER CB   C  N N 275 
SER OG   O  N N 276 
SER OXT  O  N N 277 
SER H    H  N N 278 
SER H2   H  N N 279 
SER HA   H  N N 280 
SER HB2  H  N N 281 
SER HB3  H  N N 282 
SER HG   H  N N 283 
SER HXT  H  N N 284 
THR N    N  N N 285 
THR CA   C  N S 286 
THR C    C  N N 287 
THR O    O  N N 288 
THR CB   C  N R 289 
THR OG1  O  N N 290 
THR CG2  C  N N 291 
THR OXT  O  N N 292 
THR H    H  N N 293 
THR H2   H  N N 294 
THR HA   H  N N 295 
THR HB   H  N N 296 
THR HG1  H  N N 297 
THR HG21 H  N N 298 
THR HG22 H  N N 299 
THR HG23 H  N N 300 
THR HXT  H  N N 301 
TYR N    N  N N 302 
TYR CA   C  N S 303 
TYR C    C  N N 304 
TYR O    O  N N 305 
TYR CB   C  N N 306 
TYR CG   C  Y N 307 
TYR CD1  C  Y N 308 
TYR CD2  C  Y N 309 
TYR CE1  C  Y N 310 
TYR CE2  C  Y N 311 
TYR CZ   C  Y N 312 
TYR OH   O  N N 313 
TYR OXT  O  N N 314 
TYR H    H  N N 315 
TYR H2   H  N N 316 
TYR HA   H  N N 317 
TYR HB2  H  N N 318 
TYR HB3  H  N N 319 
TYR HD1  H  N N 320 
TYR HD2  H  N N 321 
TYR HE1  H  N N 322 
TYR HE2  H  N N 323 
TYR HH   H  N N 324 
TYR HXT  H  N N 325 
VAL N    N  N N 326 
VAL CA   C  N S 327 
VAL C    C  N N 328 
VAL O    O  N N 329 
VAL CB   C  N N 330 
VAL CG1  C  N N 331 
VAL CG2  C  N N 332 
VAL OXT  O  N N 333 
VAL H    H  N N 334 
VAL H2   H  N N 335 
VAL HA   H  N N 336 
VAL HB   H  N N 337 
VAL HG11 H  N N 338 
VAL HG12 H  N N 339 
VAL HG13 H  N N 340 
VAL HG21 H  N N 341 
VAL HG22 H  N N 342 
VAL HG23 H  N N 343 
VAL HXT  H  N N 344 
# 
loop_
_chem_comp_bond.comp_id 
_chem_comp_bond.atom_id_1 
_chem_comp_bond.atom_id_2 
_chem_comp_bond.value_order 
_chem_comp_bond.pdbx_aromatic_flag 
_chem_comp_bond.pdbx_stereo_config 
_chem_comp_bond.pdbx_ordinal 
ALA N   CA   sing N N 1   
ALA N   H    sing N N 2   
ALA N   H2   sing N N 3   
ALA CA  C    sing N N 4   
ALA CA  CB   sing N N 5   
ALA CA  HA   sing N N 6   
ALA C   O    doub N N 7   
ALA C   OXT  sing N N 8   
ALA CB  HB1  sing N N 9   
ALA CB  HB2  sing N N 10  
ALA CB  HB3  sing N N 11  
ALA OXT HXT  sing N N 12  
ARG N   CA   sing N N 13  
ARG N   H    sing N N 14  
ARG N   H2   sing N N 15  
ARG CA  C    sing N N 16  
ARG CA  CB   sing N N 17  
ARG CA  HA   sing N N 18  
ARG C   O    doub N N 19  
ARG C   OXT  sing N N 20  
ARG CB  CG   sing N N 21  
ARG CB  HB2  sing N N 22  
ARG CB  HB3  sing N N 23  
ARG CG  CD   sing N N 24  
ARG CG  HG2  sing N N 25  
ARG CG  HG3  sing N N 26  
ARG CD  NE   sing N N 27  
ARG CD  HD2  sing N N 28  
ARG CD  HD3  sing N N 29  
ARG NE  CZ   sing N N 30  
ARG NE  HE   sing N N 31  
ARG CZ  NH1  sing N N 32  
ARG CZ  NH2  doub N N 33  
ARG NH1 HH11 sing N N 34  
ARG NH1 HH12 sing N N 35  
ARG NH2 HH21 sing N N 36  
ARG NH2 HH22 sing N N 37  
ARG OXT HXT  sing N N 38  
ASN N   CA   sing N N 39  
ASN N   H    sing N N 40  
ASN N   H2   sing N N 41  
ASN CA  C    sing N N 42  
ASN CA  CB   sing N N 43  
ASN CA  HA   sing N N 44  
ASN C   O    doub N N 45  
ASN C   OXT  sing N N 46  
ASN CB  CG   sing N N 47  
ASN CB  HB2  sing N N 48  
ASN CB  HB3  sing N N 49  
ASN CG  OD1  doub N N 50  
ASN CG  ND2  sing N N 51  
ASN ND2 HD21 sing N N 52  
ASN ND2 HD22 sing N N 53  
ASN OXT HXT  sing N N 54  
ASP N   CA   sing N N 55  
ASP N   H    sing N N 56  
ASP N   H2   sing N N 57  
ASP CA  C    sing N N 58  
ASP CA  CB   sing N N 59  
ASP CA  HA   sing N N 60  
ASP C   O    doub N N 61  
ASP C   OXT  sing N N 62  
ASP CB  CG   sing N N 63  
ASP CB  HB2  sing N N 64  
ASP CB  HB3  sing N N 65  
ASP CG  OD1  doub N N 66  
ASP CG  OD2  sing N N 67  
ASP OD2 HD2  sing N N 68  
ASP OXT HXT  sing N N 69  
CYS N   CA   sing N N 70  
CYS N   H    sing N N 71  
CYS N   H2   sing N N 72  
CYS CA  C    sing N N 73  
CYS CA  CB   sing N N 74  
CYS CA  HA   sing N N 75  
CYS C   O    doub N N 76  
CYS C   OXT  sing N N 77  
CYS CB  SG   sing N N 78  
CYS CB  HB2  sing N N 79  
CYS CB  HB3  sing N N 80  
CYS SG  HG   sing N N 81  
CYS OXT HXT  sing N N 82  
GLN N   CA   sing N N 83  
GLN N   H    sing N N 84  
GLN N   H2   sing N N 85  
GLN CA  C    sing N N 86  
GLN CA  CB   sing N N 87  
GLN CA  HA   sing N N 88  
GLN C   O    doub N N 89  
GLN C   OXT  sing N N 90  
GLN CB  CG   sing N N 91  
GLN CB  HB2  sing N N 92  
GLN CB  HB3  sing N N 93  
GLN CG  CD   sing N N 94  
GLN CG  HG2  sing N N 95  
GLN CG  HG3  sing N N 96  
GLN CD  OE1  doub N N 97  
GLN CD  NE2  sing N N 98  
GLN NE2 HE21 sing N N 99  
GLN NE2 HE22 sing N N 100 
GLN OXT HXT  sing N N 101 
GLU N   CA   sing N N 102 
GLU N   H    sing N N 103 
GLU N   H2   sing N N 104 
GLU CA  C    sing N N 105 
GLU CA  CB   sing N N 106 
GLU CA  HA   sing N N 107 
GLU C   O    doub N N 108 
GLU C   OXT  sing N N 109 
GLU CB  CG   sing N N 110 
GLU CB  HB2  sing N N 111 
GLU CB  HB3  sing N N 112 
GLU CG  CD   sing N N 113 
GLU CG  HG2  sing N N 114 
GLU CG  HG3  sing N N 115 
GLU CD  OE1  doub N N 116 
GLU CD  OE2  sing N N 117 
GLU OE2 HE2  sing N N 118 
GLU OXT HXT  sing N N 119 
GLY N   CA   sing N N 120 
GLY N   H    sing N N 121 
GLY N   H2   sing N N 122 
GLY CA  C    sing N N 123 
GLY CA  HA2  sing N N 124 
GLY CA  HA3  sing N N 125 
GLY C   O    doub N N 126 
GLY C   OXT  sing N N 127 
GLY OXT HXT  sing N N 128 
HIS N   CA   sing N N 129 
HIS N   H    sing N N 130 
HIS N   H2   sing N N 131 
HIS CA  C    sing N N 132 
HIS CA  CB   sing N N 133 
HIS CA  HA   sing N N 134 
HIS C   O    doub N N 135 
HIS C   OXT  sing N N 136 
HIS CB  CG   sing N N 137 
HIS CB  HB2  sing N N 138 
HIS CB  HB3  sing N N 139 
HIS CG  ND1  sing Y N 140 
HIS CG  CD2  doub Y N 141 
HIS ND1 CE1  doub Y N 142 
HIS ND1 HD1  sing N N 143 
HIS CD2 NE2  sing Y N 144 
HIS CD2 HD2  sing N N 145 
HIS CE1 NE2  sing Y N 146 
HIS CE1 HE1  sing N N 147 
HIS NE2 HE2  sing N N 148 
HIS OXT HXT  sing N N 149 
HOH O   H1   sing N N 150 
HOH O   H2   sing N N 151 
ILE N   CA   sing N N 152 
ILE N   H    sing N N 153 
ILE N   H2   sing N N 154 
ILE CA  C    sing N N 155 
ILE CA  CB   sing N N 156 
ILE CA  HA   sing N N 157 
ILE C   O    doub N N 158 
ILE C   OXT  sing N N 159 
ILE CB  CG1  sing N N 160 
ILE CB  CG2  sing N N 161 
ILE CB  HB   sing N N 162 
ILE CG1 CD1  sing N N 163 
ILE CG1 HG12 sing N N 164 
ILE CG1 HG13 sing N N 165 
ILE CG2 HG21 sing N N 166 
ILE CG2 HG22 sing N N 167 
ILE CG2 HG23 sing N N 168 
ILE CD1 HD11 sing N N 169 
ILE CD1 HD12 sing N N 170 
ILE CD1 HD13 sing N N 171 
ILE OXT HXT  sing N N 172 
LEU N   CA   sing N N 173 
LEU N   H    sing N N 174 
LEU N   H2   sing N N 175 
LEU CA  C    sing N N 176 
LEU CA  CB   sing N N 177 
LEU CA  HA   sing N N 178 
LEU C   O    doub N N 179 
LEU C   OXT  sing N N 180 
LEU CB  CG   sing N N 181 
LEU CB  HB2  sing N N 182 
LEU CB  HB3  sing N N 183 
LEU CG  CD1  sing N N 184 
LEU CG  CD2  sing N N 185 
LEU CG  HG   sing N N 186 
LEU CD1 HD11 sing N N 187 
LEU CD1 HD12 sing N N 188 
LEU CD1 HD13 sing N N 189 
LEU CD2 HD21 sing N N 190 
LEU CD2 HD22 sing N N 191 
LEU CD2 HD23 sing N N 192 
LEU OXT HXT  sing N N 193 
LYS N   CA   sing N N 194 
LYS N   H    sing N N 195 
LYS N   H2   sing N N 196 
LYS CA  C    sing N N 197 
LYS CA  CB   sing N N 198 
LYS CA  HA   sing N N 199 
LYS C   O    doub N N 200 
LYS C   OXT  sing N N 201 
LYS CB  CG   sing N N 202 
LYS CB  HB2  sing N N 203 
LYS CB  HB3  sing N N 204 
LYS CG  CD   sing N N 205 
LYS CG  HG2  sing N N 206 
LYS CG  HG3  sing N N 207 
LYS CD  CE   sing N N 208 
LYS CD  HD2  sing N N 209 
LYS CD  HD3  sing N N 210 
LYS CE  NZ   sing N N 211 
LYS CE  HE2  sing N N 212 
LYS CE  HE3  sing N N 213 
LYS NZ  HZ1  sing N N 214 
LYS NZ  HZ2  sing N N 215 
LYS NZ  HZ3  sing N N 216 
LYS OXT HXT  sing N N 217 
PHE N   CA   sing N N 218 
PHE N   H    sing N N 219 
PHE N   H2   sing N N 220 
PHE CA  C    sing N N 221 
PHE CA  CB   sing N N 222 
PHE CA  HA   sing N N 223 
PHE C   O    doub N N 224 
PHE C   OXT  sing N N 225 
PHE CB  CG   sing N N 226 
PHE CB  HB2  sing N N 227 
PHE CB  HB3  sing N N 228 
PHE CG  CD1  doub Y N 229 
PHE CG  CD2  sing Y N 230 
PHE CD1 CE1  sing Y N 231 
PHE CD1 HD1  sing N N 232 
PHE CD2 CE2  doub Y N 233 
PHE CD2 HD2  sing N N 234 
PHE CE1 CZ   doub Y N 235 
PHE CE1 HE1  sing N N 236 
PHE CE2 CZ   sing Y N 237 
PHE CE2 HE2  sing N N 238 
PHE CZ  HZ   sing N N 239 
PHE OXT HXT  sing N N 240 
PRO N   CA   sing N N 241 
PRO N   CD   sing N N 242 
PRO N   H    sing N N 243 
PRO CA  C    sing N N 244 
PRO CA  CB   sing N N 245 
PRO CA  HA   sing N N 246 
PRO C   O    doub N N 247 
PRO C   OXT  sing N N 248 
PRO CB  CG   sing N N 249 
PRO CB  HB2  sing N N 250 
PRO CB  HB3  sing N N 251 
PRO CG  CD   sing N N 252 
PRO CG  HG2  sing N N 253 
PRO CG  HG3  sing N N 254 
PRO CD  HD2  sing N N 255 
PRO CD  HD3  sing N N 256 
PRO OXT HXT  sing N N 257 
SER N   CA   sing N N 258 
SER N   H    sing N N 259 
SER N   H2   sing N N 260 
SER CA  C    sing N N 261 
SER CA  CB   sing N N 262 
SER CA  HA   sing N N 263 
SER C   O    doub N N 264 
SER C   OXT  sing N N 265 
SER CB  OG   sing N N 266 
SER CB  HB2  sing N N 267 
SER CB  HB3  sing N N 268 
SER OG  HG   sing N N 269 
SER OXT HXT  sing N N 270 
THR N   CA   sing N N 271 
THR N   H    sing N N 272 
THR N   H2   sing N N 273 
THR CA  C    sing N N 274 
THR CA  CB   sing N N 275 
THR CA  HA   sing N N 276 
THR C   O    doub N N 277 
THR C   OXT  sing N N 278 
THR CB  OG1  sing N N 279 
THR CB  CG2  sing N N 280 
THR CB  HB   sing N N 281 
THR OG1 HG1  sing N N 282 
THR CG2 HG21 sing N N 283 
THR CG2 HG22 sing N N 284 
THR CG2 HG23 sing N N 285 
THR OXT HXT  sing N N 286 
TYR N   CA   sing N N 287 
TYR N   H    sing N N 288 
TYR N   H2   sing N N 289 
TYR CA  C    sing N N 290 
TYR CA  CB   sing N N 291 
TYR CA  HA   sing N N 292 
TYR C   O    doub N N 293 
TYR C   OXT  sing N N 294 
TYR CB  CG   sing N N 295 
TYR CB  HB2  sing N N 296 
TYR CB  HB3  sing N N 297 
TYR CG  CD1  doub Y N 298 
TYR CG  CD2  sing Y N 299 
TYR CD1 CE1  sing Y N 300 
TYR CD1 HD1  sing N N 301 
TYR CD2 CE2  doub Y N 302 
TYR CD2 HD2  sing N N 303 
TYR CE1 CZ   doub Y N 304 
TYR CE1 HE1  sing N N 305 
TYR CE2 CZ   sing Y N 306 
TYR CE2 HE2  sing N N 307 
TYR CZ  OH   sing N N 308 
TYR OH  HH   sing N N 309 
TYR OXT HXT  sing N N 310 
VAL N   CA   sing N N 311 
VAL N   H    sing N N 312 
VAL N   H2   sing N N 313 
VAL CA  C    sing N N 314 
VAL CA  CB   sing N N 315 
VAL CA  HA   sing N N 316 
VAL C   O    doub N N 317 
VAL C   OXT  sing N N 318 
VAL CB  CG1  sing N N 319 
VAL CB  CG2  sing N N 320 
VAL CB  HB   sing N N 321 
VAL CG1 HG11 sing N N 322 
VAL CG1 HG12 sing N N 323 
VAL CG1 HG13 sing N N 324 
VAL CG2 HG21 sing N N 325 
VAL CG2 HG22 sing N N 326 
VAL CG2 HG23 sing N N 327 
VAL OXT HXT  sing N N 328 
# 
_pdbx_initial_refinement_model.id               1 
_pdbx_initial_refinement_model.entity_id_list   ? 
_pdbx_initial_refinement_model.type             'experimental model' 
_pdbx_initial_refinement_model.source_name      PDB 
_pdbx_initial_refinement_model.accession_code   1SHP 
_pdbx_initial_refinement_model.details          'PDB entry 1SHP' 
# 
_atom_sites.entry_id                    3OFW 
_atom_sites.fract_transf_matrix[1][1]   -0.02100646 
_atom_sites.fract_transf_matrix[1][2]   -0.01276140 
_atom_sites.fract_transf_matrix[1][3]   -0.01096043 
_atom_sites.fract_transf_matrix[2][1]   0.00517970 
_atom_sites.fract_transf_matrix[2][2]   -0.02158930 
_atom_sites.fract_transf_matrix[2][3]   0.01520949 
_atom_sites.fract_transf_matrix[3][1]   -0.00517220 
_atom_sites.fract_transf_matrix[3][2]   0.00315486 
_atom_sites.fract_transf_matrix[3][3]   0.00623964 
_atom_sites.fract_transf_vector[1]      0.102841 
_atom_sites.fract_transf_vector[2]      0.369490 
_atom_sites.fract_transf_vector[3]      0.063045 
# 
loop_
_atom_type.symbol 
C  
CL 
N  
O  
S  
# 
loop_
_atom_site.group_PDB 
_atom_site.id 
_atom_site.type_symbol 
_atom_site.label_atom_id 
_atom_site.label_alt_id 
_atom_site.label_comp_id 
_atom_site.label_asym_id 
_atom_site.label_entity_id 
_atom_site.label_seq_id 
_atom_site.pdbx_PDB_ins_code 
_atom_site.Cartn_x 
_atom_site.Cartn_y 
_atom_site.Cartn_z 
_atom_site.occupancy 
_atom_site.B_iso_or_equiv 
_atom_site.pdbx_formal_charge 
_atom_site.auth_seq_id 
_atom_site.auth_comp_id 
_atom_site.auth_asym_id 
_atom_site.auth_atom_id 
_atom_site.pdbx_PDB_model_num 
ATOM   1   N  N   . GLU A 1 3  ? 6.127   8.019   10.254  1.00 41.29 ? 1  GLU A N   1 
ATOM   2   C  CA  . GLU A 1 3  ? 7.583   8.083   9.997   1.00 40.94 ? 1  GLU A CA  1 
ATOM   3   C  C   . GLU A 1 3  ? 8.106   7.045   8.957   1.00 40.88 ? 1  GLU A C   1 
ATOM   4   O  O   . GLU A 1 3  ? 8.857   7.438   8.052   1.00 41.58 ? 1  GLU A O   1 
ATOM   5   C  CB  . GLU A 1 3  ? 8.377   8.100   11.328  1.00 41.80 ? 1  GLU A CB  1 
ATOM   6   C  CG  . GLU A 1 3  ? 8.035   9.305   12.268  1.00 42.42 ? 1  GLU A CG  1 
ATOM   7   C  CD  . GLU A 1 3  ? 9.013   10.494  12.167  1.00 43.93 ? 1  GLU A CD  1 
ATOM   8   O  OE1 . GLU A 1 3  ? 10.101  10.451  12.766  1.00 45.75 ? 1  GLU A OE1 1 
ATOM   9   O  OE2 . GLU A 1 3  ? 8.689   11.504  11.529  1.00 43.95 ? 1  GLU A OE2 1 
ATOM   10  N  N   . ALA A 1 4  ? 7.731   5.762   9.062   1.00 39.58 ? 2  ALA A N   1 
ATOM   11  C  CA  . ALA A 1 4  ? 8.147   4.695   8.080   1.00 38.89 ? 2  ALA A CA  1 
ATOM   12  C  C   . ALA A 1 4  ? 8.029   3.269   8.623   1.00 37.64 ? 2  ALA A C   1 
ATOM   13  O  O   . ALA A 1 4  ? 8.494   2.296   8.016   1.00 37.02 ? 2  ALA A O   1 
ATOM   14  C  CB  . ALA A 1 4  ? 9.545   4.920   7.503   1.00 38.84 ? 2  ALA A CB  1 
ATOM   15  N  N   . SER A 1 5  ? 7.414   3.183   9.795   1.00 36.24 ? 3  SER A N   1 
ATOM   16  C  CA  . SER A 1 5  ? 6.702   1.996   10.234  1.00 34.39 ? 3  SER A CA  1 
ATOM   17  C  C   . SER A 1 5  ? 5.460   1.769   9.347   1.00 32.82 ? 3  SER A C   1 
ATOM   18  O  O   . SER A 1 5  ? 4.835   0.719   9.425   1.00 32.51 ? 3  SER A O   1 
ATOM   19  C  CB  . SER A 1 5  ? 6.269   2.187   11.693  1.00 34.91 ? 3  SER A CB  1 
ATOM   20  O  OG  . SER A 1 5  ? 5.674   3.465   11.883  1.00 34.54 ? 3  SER A OG  1 
ATOM   21  N  N   . ILE A 1 6  ? 5.116   2.753   8.509   1.00 30.89 ? 4  ILE A N   1 
ATOM   22  C  CA  . ILE A 1 6  ? 4.025   2.608   7.546   1.00 29.09 ? 4  ILE A CA  1 
ATOM   23  C  C   . ILE A 1 6  ? 4.257   1.443   6.585   1.00 28.58 ? 4  ILE A C   1 
ATOM   24  O  O   . ILE A 1 6  ? 3.309   0.805   6.156   1.00 28.21 ? 4  ILE A O   1 
ATOM   25  C  CB  . ILE A 1 6  ? 3.670   3.940   6.764   1.00 29.04 ? 4  ILE A CB  1 
ATOM   26  C  CG1 . ILE A 1 6  ? 4.753   4.361   5.771   1.00 28.32 ? 4  ILE A CG1 1 
ATOM   27  C  CG2 . ILE A 1 6  ? 3.347   5.061   7.719   1.00 28.61 ? 4  ILE A CG2 1 
ATOM   28  C  CD1 . ILE A 1 6  ? 4.551   5.743   5.208   1.00 27.84 ? 4  ILE A CD1 1 
ATOM   29  N  N   . CYS A 1 7  ? 5.523   1.163   6.279   1.00 28.17 ? 5  CYS A N   1 
ATOM   30  C  CA  . CYS A 1 7  ? 5.904   0.070   5.379   1.00 27.54 ? 5  CYS A CA  1 
ATOM   31  C  C   . CYS A 1 7  ? 5.600   -1.297  5.962   1.00 27.57 ? 5  CYS A C   1 
ATOM   32  O  O   . CYS A 1 7  ? 5.430   -2.273  5.231   1.00 27.29 ? 5  CYS A O   1 
ATOM   33  C  CB  . CYS A 1 7  ? 7.384   0.150   5.038   1.00 27.05 ? 5  CYS A CB  1 
ATOM   34  S  SG  . CYS A 1 7  ? 7.811   1.597   4.140   1.00 26.60 ? 5  CYS A SG  1 
ATOM   35  N  N   . SER A 1 8  ? 5.528   -1.369  7.284   1.00 27.81 ? 6  SER A N   1 
ATOM   36  C  CA  . SER A 1 8  ? 5.260   -2.635  7.934   1.00 28.23 ? 6  SER A CA  1 
ATOM   37  C  C   . SER A 1 8  ? 3.799   -2.831  8.309   1.00 27.94 ? 6  SER A C   1 
ATOM   38  O  O   . SER A 1 8  ? 3.444   -3.883  8.803   1.00 28.62 ? 6  SER A O   1 
ATOM   39  C  CB  . SER A 1 8  ? 6.204   -2.866  9.116   1.00 28.51 ? 6  SER A CB  1 
ATOM   40  O  OG  . SER A 1 8  ? 6.546   -1.646  9.744   1.00 30.47 ? 6  SER A OG  1 
ATOM   41  N  N   . GLU A 1 9  ? 2.955   -1.840  8.034   1.00 27.61 ? 7  GLU A N   1 
ATOM   42  C  CA  . GLU A 1 9  ? 1.510   -1.950  8.242   1.00 27.39 ? 7  GLU A CA  1 
ATOM   43  C  C   . GLU A 1 9  ? 0.892   -2.913  7.226   1.00 26.96 ? 7  GLU A C   1 
ATOM   44  O  O   . GLU A 1 9  ? 1.381   -3.023  6.106   1.00 27.46 ? 7  GLU A O   1 
ATOM   45  C  CB  . GLU A 1 9  ? 0.854   -0.573  8.141   1.00 27.59 ? 7  GLU A CB  1 
ATOM   46  C  CG  . GLU A 1 9  ? 0.900   0.207   9.429   1.00 29.39 ? 7  GLU A CG  1 
ATOM   47  C  CD  . GLU A 1 9  ? 0.550   1.670   9.271   1.00 33.81 ? 7  GLU A CD  1 
ATOM   48  O  OE1 . GLU A 1 9  ? 1.323   2.518   9.766   1.00 36.09 ? 7  GLU A OE1 1 
ATOM   49  O  OE2 . GLU A 1 9  ? -0.493  1.994   8.667   1.00 35.83 ? 7  GLU A OE2 1 
ATOM   50  N  N   . PRO A 1 10 ? -0.165  -3.644  7.610   1.00 26.14 ? 8  PRO A N   1 
ATOM   51  C  CA  . PRO A 1 10 ? -0.639  -4.598  6.624   1.00 25.39 ? 8  PRO A CA  1 
ATOM   52  C  C   . PRO A 1 10 ? -1.449  -3.977  5.494   1.00 24.81 ? 8  PRO A C   1 
ATOM   53  O  O   . PRO A 1 10 ? -1.997  -2.892  5.646   1.00 24.99 ? 8  PRO A O   1 
ATOM   54  C  CB  . PRO A 1 10 ? -1.501  -5.548  7.451   1.00 25.40 ? 8  PRO A CB  1 
ATOM   55  C  CG  . PRO A 1 10 ? -1.978  -4.728  8.573   1.00 25.87 ? 8  PRO A CG  1 
ATOM   56  C  CD  . PRO A 1 10 ? -0.922  -3.722  8.870   1.00 26.09 ? 8  PRO A CD  1 
ATOM   57  N  N   . LYS A 1 11 ? -1.490  -4.680  4.366   1.00 24.05 ? 9  LYS A N   1 
ATOM   58  C  CA  . LYS A 1 11 ? -2.379  -4.386  3.248   1.00 23.11 ? 9  LYS A CA  1 
ATOM   59  C  C   . LYS A 1 11 ? -3.794  -4.259  3.770   1.00 22.76 ? 9  LYS A C   1 
ATOM   60  O  O   . LYS A 1 11 ? -4.286  -5.167  4.417   1.00 23.22 ? 9  LYS A O   1 
ATOM   61  C  CB  . LYS A 1 11 ? -2.339  -5.531  2.227   1.00 22.73 ? 9  LYS A CB  1 
ATOM   62  C  CG  . LYS A 1 11 ? -3.049  -5.227  0.925   1.00 21.67 ? 9  LYS A CG  1 
ATOM   63  C  CD  . LYS A 1 11 ? -4.026  -6.297  0.537   1.00 21.25 ? 9  LYS A CD  1 
ATOM   64  C  CE  . LYS A 1 11 ? -3.442  -7.313  -0.384  1.00 21.99 ? 9  LYS A CE  1 
ATOM   65  N  NZ  . LYS A 1 11 ? -4.526  -7.861  -1.242  1.00 23.49 ? 9  LYS A NZ  1 
ATOM   66  N  N   . LYS A 1 12 ? -4.444  -3.138  3.480   1.00 22.07 ? 10 LYS A N   1 
ATOM   67  C  CA  . LYS A 1 12 ? -5.805  -2.895  3.931   1.00 21.04 ? 10 LYS A CA  1 
ATOM   68  C  C   . LYS A 1 12 ? -6.655  -2.341  2.775   1.00 20.44 ? 10 LYS A C   1 
ATOM   69  O  O   . LYS A 1 12 ? -6.495  -1.174  2.367   1.00 20.52 ? 10 LYS A O   1 
ATOM   70  C  CB  . LYS A 1 12 ? -5.807  -1.965  5.168   1.00 21.17 ? 10 LYS A CB  1 
ATOM   71  C  CG  . LYS A 1 12 ? -7.030  -2.120  6.080   1.00 21.55 ? 10 LYS A CG  1 
ATOM   72  C  CD  . LYS A 1 12 ? -7.037  -1.097  7.194   0.50 21.51 ? 10 LYS A CD  1 
ATOM   73  C  CE  . LYS A 1 12 ? -8.341  -1.143  7.984   0.50 22.89 ? 10 LYS A CE  1 
ATOM   74  N  NZ  . LYS A 1 12 ? -8.378  -0.061  9.026   0.50 23.10 ? 10 LYS A NZ  1 
ATOM   75  N  N   . VAL A 1 13 ? -7.539  -3.196  2.247   1.00 19.21 ? 11 VAL A N   1 
ATOM   76  C  CA  . VAL A 1 13 ? -8.468  -2.837  1.193   1.00 18.43 ? 11 VAL A CA  1 
ATOM   77  C  C   . VAL A 1 13 ? -9.592  -1.907  1.687   1.00 19.11 ? 11 VAL A C   1 
ATOM   78  O  O   . VAL A 1 13 ? -10.033 -1.003  0.954   1.00 19.16 ? 11 VAL A O   1 
ATOM   79  C  CB  . VAL A 1 13 ? -9.051  -4.102  0.524   1.00 18.50 ? 11 VAL A CB  1 
ATOM   80  C  CG1 . VAL A 1 13 ? -10.231 -3.776  -0.366  1.00 17.59 ? 11 VAL A CG1 1 
ATOM   81  C  CG2 . VAL A 1 13 ? -7.981  -4.828  -0.269  1.00 17.52 ? 11 VAL A CG2 1 
ATOM   82  N  N   . GLY A 1 14 ? -10.039 -2.116  2.927   1.00 19.01 ? 12 GLY A N   1 
ATOM   83  C  CA  . GLY A 1 14 ? -11.161 -1.368  3.489   1.00 19.30 ? 12 GLY A CA  1 
ATOM   84  C  C   . GLY A 1 14 ? -12.508 -1.985  3.123   1.00 20.02 ? 12 GLY A C   1 
ATOM   85  O  O   . GLY A 1 14 ? -12.589 -2.939  2.324   1.00 19.64 ? 12 GLY A O   1 
ATOM   86  N  N   . ARG A 1 15 ? -13.573 -1.436  3.696   1.00 20.69 ? 13 ARG A N   1 
ATOM   87  C  CA  . ARG A 1 15 ? -14.914 -1.958  3.444   1.00 21.84 ? 13 ARG A CA  1 
ATOM   88  C  C   . ARG A 1 15 ? -15.615 -1.280  2.275   1.00 21.13 ? 13 ARG A C   1 
ATOM   89  O  O   . ARG A 1 15 ? -16.720 -1.693  1.906   1.00 21.59 ? 13 ARG A O   1 
ATOM   90  C  CB  . ARG A 1 15 ? -15.796 -1.839  4.685   1.00 22.57 ? 13 ARG A CB  1 
ATOM   91  C  CG  . ARG A 1 15 ? -15.181 -2.381  5.942   1.00 27.99 ? 13 ARG A CG  1 
ATOM   92  C  CD  . ARG A 1 15 ? -16.075 -3.404  6.640   1.00 36.32 ? 13 ARG A CD  1 
ATOM   93  N  NE  . ARG A 1 15 ? -17.513 -3.083  6.611   1.00 41.86 ? 13 ARG A NE  1 
ATOM   94  C  CZ  . ARG A 1 15 ? -18.162 -2.366  7.535   1.00 44.69 ? 13 ARG A CZ  1 
ATOM   95  N  NH1 . ARG A 1 15 ? -17.504 -1.850  8.580   1.00 45.61 ? 13 ARG A NH1 1 
ATOM   96  N  NH2 . ARG A 1 15 ? -19.477 -2.154  7.409   1.00 43.89 ? 13 ARG A NH2 1 
ATOM   97  N  N   . CYS A 1 16 ? -14.995 -0.237  1.715   1.00 20.20 ? 14 CYS A N   1 
ATOM   98  C  CA  . CYS A 1 16 ? -15.593 0.528   0.623   1.00 19.05 ? 14 CYS A CA  1 
ATOM   99  C  C   . CYS A 1 16 ? -15.385 -0.177  -0.710  1.00 19.19 ? 14 CYS A C   1 
ATOM   100 O  O   . CYS A 1 16 ? -14.497 -1.009  -0.824  1.00 19.54 ? 14 CYS A O   1 
ATOM   101 C  CB  . CYS A 1 16 ? -15.032 1.930   0.598   1.00 18.96 ? 14 CYS A CB  1 
ATOM   102 S  SG  . CYS A 1 16 ? -15.691 2.966   1.912   1.00 16.52 ? 14 CYS A SG  1 
ATOM   103 N  N   . LYS A 1 17 ? -16.216 0.139   -1.702  1.00 18.58 ? 15 LYS A N   1 
ATOM   104 C  CA  . LYS A 1 17 ? -16.260 -0.622  -2.953  1.00 18.23 ? 15 LYS A CA  1 
ATOM   105 C  C   . LYS A 1 17 ? -15.772 0.208   -4.136  1.00 17.47 ? 15 LYS A C   1 
ATOM   106 O  O   . LYS A 1 17 ? -16.076 -0.092  -5.280  1.00 17.46 ? 15 LYS A O   1 
ATOM   107 C  CB  . LYS A 1 17 ? -17.691 -1.098  -3.250  1.00 18.78 ? 15 LYS A CB  1 
ATOM   108 C  CG  . LYS A 1 17 ? -18.523 -1.534  -2.052  1.00 20.18 ? 15 LYS A CG  1 
ATOM   109 C  CD  . LYS A 1 17 ? -18.673 -3.032  -2.016  1.00 24.85 ? 15 LYS A CD  1 
ATOM   110 C  CE  . LYS A 1 17 ? -17.928 -3.687  -0.860  1.00 26.38 ? 15 LYS A CE  1 
ATOM   111 N  NZ  . LYS A 1 17 ? -18.902 -4.074  0.199   1.00 27.59 ? 15 LYS A NZ  1 
ATOM   112 N  N   . GLY A 1 18 ? -15.018 1.261   -3.862  1.00 16.76 ? 16 GLY A N   1 
ATOM   113 C  CA  . GLY A 1 18 ? -14.507 2.106   -4.919  1.00 15.41 ? 16 GLY A CA  1 
ATOM   114 C  C   . GLY A 1 18 ? -13.364 1.456   -5.649  1.00 14.71 ? 16 GLY A C   1 
ATOM   115 O  O   . GLY A 1 18 ? -12.941 0.367   -5.305  1.00 14.53 ? 16 GLY A O   1 
ATOM   116 N  N   . TYR A 1 19 ? -12.859 2.142   -6.662  1.00 14.76 ? 17 TYR A N   1 
ATOM   117 C  CA  . TYR A 1 19 ? -11.733 1.645   -7.449  1.00 14.48 ? 17 TYR A CA  1 
ATOM   118 C  C   . TYR A 1 19 ? -10.533 2.596   -7.450  1.00 13.82 ? 17 TYR A C   1 
ATOM   119 O  O   . TYR A 1 19 ? -10.506 3.551   -8.214  1.00 14.34 ? 17 TYR A O   1 
ATOM   120 C  CB  . TYR A 1 19 ? -12.200 1.392   -8.859  1.00 14.80 ? 17 TYR A CB  1 
ATOM   121 C  CG  . TYR A 1 19 ? -11.182 0.753   -9.747  1.00 15.89 ? 17 TYR A CG  1 
ATOM   122 C  CD1 . TYR A 1 19 ? -10.914 -0.601  -9.654  1.00 15.18 ? 17 TYR A CD1 1 
ATOM   123 C  CD2 . TYR A 1 19 ? -10.497 1.505   -10.698 1.00 15.69 ? 17 TYR A CD2 1 
ATOM   124 C  CE1 . TYR A 1 19 ? -9.987  -1.194  -10.477 1.00 16.61 ? 17 TYR A CE1 1 
ATOM   125 C  CE2 . TYR A 1 19 ? -9.566  0.922   -11.524 1.00 15.91 ? 17 TYR A CE2 1 
ATOM   126 C  CZ  . TYR A 1 19 ? -9.314  -0.430  -11.412 1.00 16.96 ? 17 TYR A CZ  1 
ATOM   127 O  OH  . TYR A 1 19 ? -8.389  -1.034  -12.246 1.00 18.33 ? 17 TYR A OH  1 
ATOM   128 N  N   . PHE A 1 20 ? -9.554  2.321   -6.586  1.00 13.12 ? 18 PHE A N   1 
ATOM   129 C  CA  . PHE A 1 20 ? -8.340  3.125   -6.442  1.00 11.95 ? 18 PHE A CA  1 
ATOM   130 C  C   . PHE A 1 20 ? -7.118  2.221   -6.494  1.00 11.25 ? 18 PHE A C   1 
ATOM   131 O  O   . PHE A 1 20 ? -6.732  1.651   -5.488  1.00 11.17 ? 18 PHE A O   1 
ATOM   132 C  CB  . PHE A 1 20 ? -8.357  3.913   -5.133  1.00 11.71 ? 18 PHE A CB  1 
ATOM   133 C  CG  . PHE A 1 20 ? -9.470  4.897   -5.053  1.00 12.63 ? 18 PHE A CG  1 
ATOM   134 C  CD1 . PHE A 1 20 ? -10.682 4.547   -4.481  1.00 12.93 ? 18 PHE A CD1 1 
ATOM   135 C  CD2 . PHE A 1 20 ? -9.325  6.170   -5.574  1.00 13.24 ? 18 PHE A CD2 1 
ATOM   136 C  CE1 . PHE A 1 20 ? -11.729 5.448   -4.434  1.00 13.27 ? 18 PHE A CE1 1 
ATOM   137 C  CE2 . PHE A 1 20 ? -10.377 7.084   -5.536  1.00 13.12 ? 18 PHE A CE2 1 
ATOM   138 C  CZ  . PHE A 1 20 ? -11.576 6.720   -4.969  1.00 13.31 ? 18 PHE A CZ  1 
ATOM   139 N  N   . PRO A 1 21 ? -6.522  2.051   -7.683  1.00 10.75 ? 19 PRO A N   1 
ATOM   140 C  CA  . PRO A 1 21 ? -5.258  1.311   -7.725  1.00 10.21 ? 19 PRO A CA  1 
ATOM   141 C  C   . PRO A 1 21 ? -4.118  1.980   -6.956  1.00 10.48 ? 19 PRO A C   1 
ATOM   142 O  O   . PRO A 1 21 ? -3.800  3.145   -7.172  1.00 10.96 ? 19 PRO A O   1 
ATOM   143 C  CB  . PRO A 1 21 ? -4.961  1.208   -9.214  1.00 10.04 ? 19 PRO A CB  1 
ATOM   144 C  CG  . PRO A 1 21 ? -6.297  1.397   -9.896  1.00 10.11 ? 19 PRO A CG  1 
ATOM   145 C  CD  . PRO A 1 21 ? -6.988  2.421   -9.031  1.00 10.37 ? 19 PRO A CD  1 
ATOM   146 N  N   . ARG A 1 22 ? -3.520  1.219   -6.044  1.00 10.43 ? 20 ARG A N   1 
ATOM   147 C  CA  . ARG A 1 22 ? -2.481  1.706   -5.162  1.00 10.10 ? 20 ARG A CA  1 
ATOM   148 C  C   . ARG A 1 22 ? -1.365  0.667   -5.035  1.00 10.59 ? 20 ARG A C   1 
ATOM   149 O  O   . ARG A 1 22 ? -1.461  -0.424  -5.587  1.00 10.38 ? 20 ARG A O   1 
ATOM   150 C  CB  . ARG A 1 22 ? -3.071  1.998   -3.778  1.00 9.62  ? 20 ARG A CB  1 
ATOM   151 C  CG  . ARG A 1 22 ? -4.127  3.052   -3.753  1.00 9.23  ? 20 ARG A CG  1 
ATOM   152 C  CD  . ARG A 1 22 ? -3.512  4.416   -3.916  1.00 10.39 ? 20 ARG A CD  1 
ATOM   153 N  NE  . ARG A 1 22 ? -4.530  5.432   -4.136  1.00 12.18 ? 20 ARG A NE  1 
ATOM   154 C  CZ  . ARG A 1 22 ? -5.188  6.040   -3.156  1.00 12.66 ? 20 ARG A CZ  1 
ATOM   155 N  NH1 . ARG A 1 22 ? -4.924  5.743   -1.896  1.00 12.20 ? 20 ARG A NH1 1 
ATOM   156 N  NH2 . ARG A 1 22 ? -6.104  6.949   -3.438  1.00 13.34 ? 20 ARG A NH2 1 
ATOM   157 N  N   . PHE A 1 23 ? -0.307  1.026   -4.308  1.00 10.84 ? 21 PHE A N   1 
ATOM   158 C  CA  . PHE A 1 23 ? 0.775   0.112   -3.983  1.00 11.00 ? 21 PHE A CA  1 
ATOM   159 C  C   . PHE A 1 23 ? 0.945   -0.032  -2.478  1.00 11.97 ? 21 PHE A C   1 
ATOM   160 O  O   . PHE A 1 23 ? 0.823   0.951   -1.739  1.00 11.89 ? 21 PHE A O   1 
ATOM   161 C  CB  . PHE A 1 23 ? 2.067   0.587   -4.649  1.00 9.89  ? 21 PHE A CB  1 
ATOM   162 C  CG  . PHE A 1 23 ? 2.015   0.497   -6.142  1.00 9.45  ? 21 PHE A CG  1 
ATOM   163 C  CD1 . PHE A 1 23 ? 1.381   1.482   -6.891  1.00 7.32  ? 21 PHE A CD1 1 
ATOM   164 C  CD2 . PHE A 1 23 ? 2.537   -0.604  -6.803  1.00 7.62  ? 21 PHE A CD2 1 
ATOM   165 C  CE1 . PHE A 1 23 ? 1.307   1.383   -8.249  1.00 5.61  ? 21 PHE A CE1 1 
ATOM   166 C  CE2 . PHE A 1 23 ? 2.453   -0.699  -8.170  1.00 5.17  ? 21 PHE A CE2 1 
ATOM   167 C  CZ  . PHE A 1 23 ? 1.839   0.291   -8.887  1.00 6.00  ? 21 PHE A CZ  1 
ATOM   168 N  N   . TYR A 1 24 ? 1.187   -1.265  -2.036  1.00 12.84 ? 22 TYR A N   1 
ATOM   169 C  CA  . TYR A 1 24 ? 1.630   -1.529  -0.683  1.00 14.22 ? 22 TYR A CA  1 
ATOM   170 C  C   . TYR A 1 24 ? 2.949   -2.272  -0.767  1.00 16.06 ? 22 TYR A C   1 
ATOM   171 O  O   . TYR A 1 24 ? 3.240   -2.924  -1.773  1.00 16.27 ? 22 TYR A O   1 
ATOM   172 C  CB  . TYR A 1 24 ? 0.591   -2.325  0.117   1.00 14.25 ? 22 TYR A CB  1 
ATOM   173 C  CG  . TYR A 1 24 ? 0.530   -3.800  -0.202  1.00 14.13 ? 22 TYR A CG  1 
ATOM   174 C  CD1 . TYR A 1 24 ? -0.089  -4.248  -1.358  1.00 13.93 ? 22 TYR A CD1 1 
ATOM   175 C  CD2 . TYR A 1 24 ? 1.080   -4.751  0.664   1.00 13.84 ? 22 TYR A CD2 1 
ATOM   176 C  CE1 . TYR A 1 24 ? -0.149  -5.593  -1.666  1.00 13.40 ? 22 TYR A CE1 1 
ATOM   177 C  CE2 . TYR A 1 24 ? 1.028   -6.109  0.362   1.00 12.72 ? 22 TYR A CE2 1 
ATOM   178 C  CZ  . TYR A 1 24 ? 0.409   -6.515  -0.809  1.00 14.07 ? 22 TYR A CZ  1 
ATOM   179 O  OH  . TYR A 1 24 ? 0.342   -7.846  -1.155  1.00 15.42 ? 22 TYR A OH  1 
ATOM   180 N  N   . PHE A 1 25 ? 3.772   -2.126  0.267   1.00 18.26 ? 23 PHE A N   1 
ATOM   181 C  CA  . PHE A 1 25 ? 5.011   -2.862  0.361   1.00 20.47 ? 23 PHE A CA  1 
ATOM   182 C  C   . PHE A 1 25 ? 4.717   -4.188  1.025   1.00 22.02 ? 23 PHE A C   1 
ATOM   183 O  O   . PHE A 1 25 ? 4.181   -4.227  2.127   1.00 22.15 ? 23 PHE A O   1 
ATOM   184 C  CB  . PHE A 1 25 ? 6.046   -2.080  1.153   1.00 20.41 ? 23 PHE A CB  1 
ATOM   185 C  CG  . PHE A 1 25 ? 7.302   -2.851  1.424   1.00 21.50 ? 23 PHE A CG  1 
ATOM   186 C  CD1 . PHE A 1 25 ? 8.334   -2.876  0.492   1.00 21.94 ? 23 PHE A CD1 1 
ATOM   187 C  CD2 . PHE A 1 25 ? 7.454   -3.568  2.608   1.00 22.20 ? 23 PHE A CD2 1 
ATOM   188 C  CE1 . PHE A 1 25 ? 9.501   -3.610  0.740   1.00 22.01 ? 23 PHE A CE1 1 
ATOM   189 C  CE2 . PHE A 1 25 ? 8.614   -4.301  2.865   1.00 22.89 ? 23 PHE A CE2 1 
ATOM   190 C  CZ  . PHE A 1 25 ? 9.640   -4.318  1.932   1.00 21.65 ? 23 PHE A CZ  1 
ATOM   191 N  N   . ASP A 1 26 ? 5.047   -5.273  0.340   1.00 24.18 ? 24 ASP A N   1 
ATOM   192 C  CA  . ASP A 1 26 ? 4.811   -6.608  0.863   1.00 26.72 ? 24 ASP A CA  1 
ATOM   193 C  C   . ASP A 1 26 ? 6.016   -7.134  1.631   1.00 28.21 ? 24 ASP A C   1 
ATOM   194 O  O   . ASP A 1 26 ? 7.089   -7.313  1.055   1.00 28.73 ? 24 ASP A O   1 
ATOM   195 C  CB  . ASP A 1 26 ? 4.477   -7.564  -0.269  1.00 27.06 ? 24 ASP A CB  1 
ATOM   196 C  CG  . ASP A 1 26 ? 3.974   -8.887  0.227   1.00 28.83 ? 24 ASP A CG  1 
ATOM   197 O  OD1 . ASP A 1 26 ? 4.717   -9.575  0.939   1.00 31.91 ? 24 ASP A OD1 1 
ATOM   198 O  OD2 . ASP A 1 26 ? 2.829   -9.242  -0.089  1.00 30.39 ? 24 ASP A OD2 1 
ATOM   199 N  N   . SER A 1 27 ? 5.814   -7.378  2.929   1.00 29.77 ? 25 SER A N   1 
ATOM   200 C  CA  . SER A 1 27 ? 6.831   -7.931  3.839   1.00 31.34 ? 25 SER A CA  1 
ATOM   201 C  C   . SER A 1 27 ? 7.439   -9.270  3.395   1.00 31.65 ? 25 SER A C   1 
ATOM   202 O  O   . SER A 1 27 ? 8.662   -9.448  3.404   1.00 31.85 ? 25 SER A O   1 
ATOM   203 C  CB  . SER A 1 27 ? 6.213   -8.112  5.219   1.00 31.25 ? 25 SER A CB  1 
ATOM   204 O  OG  . SER A 1 27 ? 6.544   -7.015  6.036   1.00 34.45 ? 25 SER A OG  1 
ATOM   205 N  N   . GLU A 1 28 ? 6.558   -10.202 3.027   1.00 32.10 ? 26 GLU A N   1 
ATOM   206 C  CA  . GLU A 1 28 ? 6.923   -11.534 2.555   1.00 32.22 ? 26 GLU A CA  1 
ATOM   207 C  C   . GLU A 1 28 ? 7.860   -11.504 1.337   1.00 31.77 ? 26 GLU A C   1 
ATOM   208 O  O   . GLU A 1 28 ? 8.950   -12.094 1.377   1.00 32.69 ? 26 GLU A O   1 
ATOM   209 C  CB  . GLU A 1 28 ? 5.656   -12.329 2.237   1.00 32.48 ? 26 GLU A CB  1 
ATOM   210 C  CG  . GLU A 1 28 ? 5.870   -13.839 2.111   1.00 34.85 ? 26 GLU A CG  1 
ATOM   211 C  CD  . GLU A 1 28 ? 6.522   -14.430 3.347   0.50 34.89 ? 26 GLU A CD  1 
ATOM   212 O  OE1 . GLU A 1 28 ? 6.100   -14.077 4.477   0.50 33.59 ? 26 GLU A OE1 1 
ATOM   213 O  OE2 . GLU A 1 28 ? 7.462   -15.243 3.178   0.50 35.13 ? 26 GLU A OE2 1 
ATOM   214 N  N   . THR A 1 29 ? 7.444   -10.799 0.278   1.00 30.34 ? 27 THR A N   1 
ATOM   215 C  CA  . THR A 1 29 ? 8.190   -10.738 -0.990  1.00 28.36 ? 27 THR A CA  1 
ATOM   216 C  C   . THR A 1 29 ? 9.269   -9.649  -1.073  1.00 26.96 ? 27 THR A C   1 
ATOM   217 O  O   . THR A 1 29 ? 10.198  -9.740  -1.869  1.00 27.37 ? 27 THR A O   1 
ATOM   218 C  CB  . THR A 1 29 ? 7.228   -10.565 -2.166  1.00 28.73 ? 27 THR A CB  1 
ATOM   219 O  OG1 . THR A 1 29 ? 6.427   -9.396  -1.954  1.00 29.19 ? 27 THR A OG1 1 
ATOM   220 C  CG2 . THR A 1 29 ? 6.316   -11.797 -2.318  1.00 28.54 ? 27 THR A CG2 1 
ATOM   221 N  N   . GLY A 1 30 ? 9.149   -8.610  -0.265  1.00 25.14 ? 28 GLY A N   1 
ATOM   222 C  CA  . GLY A 1 30 ? 10.087  -7.504  -0.335  1.00 22.62 ? 28 GLY A CA  1 
ATOM   223 C  C   . GLY A 1 30 ? 9.817   -6.603  -1.520  1.00 21.35 ? 28 GLY A C   1 
ATOM   224 O  O   . GLY A 1 30 ? 10.668  -5.796  -1.889  1.00 21.58 ? 28 GLY A O   1 
ATOM   225 N  N   A LYS A 1 31 ? 8.637   -6.724  -2.120  0.50 20.51 ? 29 LYS A N   1 
ATOM   226 N  N   B LYS A 1 31 ? 8.623   -6.745  -2.097  0.50 20.49 ? 29 LYS A N   1 
ATOM   227 C  CA  A LYS A 1 31 ? 8.320   -5.968  -3.336  0.50 19.51 ? 29 LYS A CA  1 
ATOM   228 C  CA  B LYS A 1 31 ? 8.208   -6.025  -3.305  0.50 19.49 ? 29 LYS A CA  1 
ATOM   229 C  C   A LYS A 1 31 ? 7.065   -5.109  -3.204  0.50 18.73 ? 29 LYS A C   1 
ATOM   230 C  C   B LYS A 1 31 ? 7.119   -4.996  -3.006  0.50 18.71 ? 29 LYS A C   1 
ATOM   231 O  O   A LYS A 1 31 ? 6.073   -5.533  -2.613  0.50 18.38 ? 29 LYS A O   1 
ATOM   232 O  O   B LYS A 1 31 ? 6.291   -5.198  -2.122  0.50 18.43 ? 29 LYS A O   1 
ATOM   233 C  CB  A LYS A 1 31 ? 8.211   -6.909  -4.549  0.50 19.38 ? 29 LYS A CB  1 
ATOM   234 C  CB  B LYS A 1 31 ? 7.655   -7.005  -4.354  0.50 19.31 ? 29 LYS A CB  1 
ATOM   235 C  CG  A LYS A 1 31 ? 9.564   -7.364  -5.088  0.50 19.25 ? 29 LYS A CG  1 
ATOM   236 C  CG  B LYS A 1 31 ? 8.649   -7.976  -4.961  0.50 19.20 ? 29 LYS A CG  1 
ATOM   237 C  CD  A LYS A 1 31 ? 9.422   -8.364  -6.221  0.50 19.71 ? 29 LYS A CD  1 
ATOM   238 C  CD  B LYS A 1 31 ? 7.907   -9.084  -5.721  0.50 19.71 ? 29 LYS A CD  1 
ATOM   239 C  CE  A LYS A 1 31 ? 10.773  -8.905  -6.691  0.50 20.41 ? 29 LYS A CE  1 
ATOM   240 C  CE  B LYS A 1 31 ? 8.847   -9.953  -6.568  0.50 19.49 ? 29 LYS A CE  1 
ATOM   241 N  NZ  A LYS A 1 31 ? 11.641  -7.893  -7.386  0.50 20.60 ? 29 LYS A NZ  1 
ATOM   242 N  NZ  B LYS A 1 31 ? 9.635   -10.909 -5.748  0.50 20.27 ? 29 LYS A NZ  1 
ATOM   243 N  N   . CYS A 1 32 ? 7.132   -3.898  -3.755  1.00 18.09 ? 30 CYS A N   1 
ATOM   244 C  CA  . CYS A 1 32 ? 5.979   -3.011  -3.858  1.00 16.89 ? 30 CYS A CA  1 
ATOM   245 C  C   . CYS A 1 32 ? 4.982   -3.637  -4.820  1.00 16.19 ? 30 CYS A C   1 
ATOM   246 O  O   . CYS A 1 32 ? 5.318   -3.987  -5.949  1.00 16.01 ? 30 CYS A O   1 
ATOM   247 C  CB  . CYS A 1 32 ? 6.414   -1.638  -4.329  1.00 16.76 ? 30 CYS A CB  1 
ATOM   248 S  SG  . CYS A 1 32 ? 7.268   -0.713  -3.054  1.00 17.80 ? 30 CYS A SG  1 
ATOM   249 N  N   . THR A 1 33 ? 3.759   -3.814  -4.346  1.00 15.47 ? 31 THR A N   1 
ATOM   250 C  CA  . THR A 1 33 ? 2.796   -4.684  -4.999  1.00 14.46 ? 31 THR A CA  1 
ATOM   251 C  C   . THR A 1 33 ? 1.498   -3.925  -5.211  1.00 14.45 ? 31 THR A C   1 
ATOM   252 O  O   . THR A 1 33 ? 1.024   -3.275  -4.272  1.00 14.79 ? 31 THR A O   1 
ATOM   253 C  CB  . THR A 1 33 ? 2.513   -5.913  -4.111  1.00 14.24 ? 31 THR A CB  1 
ATOM   254 O  OG1 . THR A 1 33 ? 3.740   -6.568  -3.804  1.00 14.14 ? 31 THR A OG1 1 
ATOM   255 C  CG2 . THR A 1 33 ? 1.594   -6.894  -4.780  1.00 13.20 ? 31 THR A CG2 1 
ATOM   256 N  N   . PRO A 1 34 ? 0.921   -3.996  -6.439  1.00 14.16 ? 32 PRO A N   1 
ATOM   257 C  CA  . PRO A 1 34 ? -0.356  -3.358  -6.732  1.00 13.56 ? 32 PRO A CA  1 
ATOM   258 C  C   . PRO A 1 34 ? -1.539  -3.979  -5.990  1.00 13.15 ? 32 PRO A C   1 
ATOM   259 O  O   . PRO A 1 34 ? -1.525  -5.170  -5.672  1.00 13.80 ? 32 PRO A O   1 
ATOM   260 C  CB  . PRO A 1 34 ? -0.509  -3.560  -8.234  1.00 13.70 ? 32 PRO A CB  1 
ATOM   261 C  CG  . PRO A 1 34 ? 0.308   -4.718  -8.547  1.00 13.71 ? 32 PRO A CG  1 
ATOM   262 C  CD  . PRO A 1 34 ? 1.466   -4.660  -7.637  1.00 13.82 ? 32 PRO A CD  1 
ATOM   263 N  N   . PHE A 1 35 ? -2.523  -3.147  -5.667  1.00 12.12 ? 33 PHE A N   1 
ATOM   264 C  CA  . PHE A 1 35 ? -3.791  -3.600  -5.119  1.00 11.20 ? 33 PHE A CA  1 
ATOM   265 C  C   . PHE A 1 35 ? -4.878  -2.569  -5.382  1.00 11.15 ? 33 PHE A C   1 
ATOM   266 O  O   . PHE A 1 35 ? -4.600  -1.425  -5.727  1.00 11.07 ? 33 PHE A O   1 
ATOM   267 C  CB  . PHE A 1 35 ? -3.694  -4.016  -3.637  1.00 10.43 ? 33 PHE A CB  1 
ATOM   268 C  CG  . PHE A 1 35 ? -3.732  -2.873  -2.647  1.00 9.89  ? 33 PHE A CG  1 
ATOM   269 C  CD1 . PHE A 1 35 ? -2.667  -1.996  -2.524  1.00 8.88  ? 33 PHE A CD1 1 
ATOM   270 C  CD2 . PHE A 1 35 ? -4.809  -2.725  -1.784  1.00 8.92  ? 33 PHE A CD2 1 
ATOM   271 C  CE1 . PHE A 1 35 ? -2.690  -0.970  -1.605  1.00 7.24  ? 33 PHE A CE1 1 
ATOM   272 C  CE2 . PHE A 1 35 ? -4.838  -1.700  -0.862  1.00 7.72  ? 33 PHE A CE2 1 
ATOM   273 C  CZ  . PHE A 1 35 ? -3.769  -0.827  -0.773  1.00 8.83  ? 33 PHE A CZ  1 
ATOM   274 N  N   . ILE A 1 36 ? -6.119  -3.017  -5.298  1.00 11.19 ? 34 ILE A N   1 
ATOM   275 C  CA  . ILE A 1 36 ? -7.249  -2.142  -5.457  1.00 11.27 ? 34 ILE A CA  1 
ATOM   276 C  C   . ILE A 1 36 ? -7.765  -1.762  -4.078  1.00 11.73 ? 34 ILE A C   1 
ATOM   277 O  O   . ILE A 1 36 ? -8.326  -2.583  -3.350  1.00 12.60 ? 34 ILE A O   1 
ATOM   278 C  CB  . ILE A 1 36 ? -8.360  -2.800  -6.292  1.00 10.87 ? 34 ILE A CB  1 
ATOM   279 C  CG1 . ILE A 1 36 ? -7.790  -3.357  -7.610  1.00 10.79 ? 34 ILE A CG1 1 
ATOM   280 C  CG2 . ILE A 1 36 ? -9.485  -1.829  -6.521  1.00 10.02 ? 34 ILE A CG2 1 
ATOM   281 C  CD1 . ILE A 1 36 ? -7.137  -2.347  -8.488  1.00 8.27  ? 34 ILE A CD1 1 
ATOM   282 N  N   . TYR A 1 37 ? -7.533  -0.513  -3.724  1.00 11.69 ? 35 TYR A N   1 
ATOM   283 C  CA  . TYR A 1 37 ? -7.994  0.060   -2.488  1.00 11.57 ? 35 TYR A CA  1 
ATOM   284 C  C   . TYR A 1 37 ? -9.432  0.525   -2.685  1.00 12.27 ? 35 TYR A C   1 
ATOM   285 O  O   . TYR A 1 37 ? -9.774  1.034   -3.742  1.00 12.62 ? 35 TYR A O   1 
ATOM   286 C  CB  . TYR A 1 37 ? -7.065  1.219   -2.143  1.00 10.86 ? 35 TYR A CB  1 
ATOM   287 C  CG  . TYR A 1 37 ? -7.506  2.070   -0.996  1.00 9.97  ? 35 TYR A CG  1 
ATOM   288 C  CD1 . TYR A 1 37 ? -7.666  1.527   0.269   1.00 9.75  ? 35 TYR A CD1 1 
ATOM   289 C  CD2 . TYR A 1 37 ? -7.750  3.423   -1.170  1.00 8.61  ? 35 TYR A CD2 1 
ATOM   290 C  CE1 . TYR A 1 37 ? -8.066  2.298   1.319   1.00 8.62  ? 35 TYR A CE1 1 
ATOM   291 C  CE2 . TYR A 1 37 ? -8.163  4.196   -0.128  1.00 8.17  ? 35 TYR A CE2 1 
ATOM   292 C  CZ  . TYR A 1 37 ? -8.303  3.622   1.121   1.00 9.58  ? 35 TYR A CZ  1 
ATOM   293 O  OH  . TYR A 1 37 ? -8.680  4.383   2.189   1.00 12.15 ? 35 TYR A OH  1 
ATOM   294 N  N   . GLY A 1 38 ? -10.274 0.351   -1.671  1.00 13.19 ? 36 GLY A N   1 
ATOM   295 C  CA  . GLY A 1 38 ? -11.707 0.641   -1.795  1.00 13.63 ? 36 GLY A CA  1 
ATOM   296 C  C   . GLY A 1 38 ? -12.155 2.085   -1.648  1.00 14.31 ? 36 GLY A C   1 
ATOM   297 O  O   . GLY A 1 38 ? -13.268 2.443   -2.047  1.00 14.24 ? 36 GLY A O   1 
ATOM   298 N  N   . GLY A 1 39 ? -11.309 2.926   -1.065  1.00 14.71 ? 37 GLY A N   1 
ATOM   299 C  CA  . GLY A 1 39 ? -11.638 4.342   -0.914  1.00 15.50 ? 37 GLY A CA  1 
ATOM   300 C  C   . GLY A 1 39 ? -11.873 4.839   0.504   1.00 16.49 ? 37 GLY A C   1 
ATOM   301 O  O   . GLY A 1 39 ? -12.077 6.020   0.703   1.00 17.06 ? 37 GLY A O   1 
ATOM   302 N  N   . CYS A 1 40 ? -11.867 3.950   1.494   1.00 17.31 ? 38 CYS A N   1 
ATOM   303 C  CA  . CYS A 1 40 ? -12.023 4.356   2.887   1.00 17.98 ? 38 CYS A CA  1 
ATOM   304 C  C   . CYS A 1 40 ? -11.330 3.376   3.809   1.00 19.24 ? 38 CYS A C   1 
ATOM   305 O  O   . CYS A 1 40 ? -11.153 2.196   3.471   1.00 19.78 ? 38 CYS A O   1 
ATOM   306 C  CB  . CYS A 1 40 ? -13.507 4.431   3.279   1.00 17.86 ? 38 CYS A CB  1 
ATOM   307 S  SG  . CYS A 1 40 ? -14.355 2.839   3.383   1.00 15.67 ? 38 CYS A SG  1 
ATOM   308 N  N   . GLY A 1 41 ? -10.936 3.869   4.977   1.00 20.07 ? 39 GLY A N   1 
ATOM   309 C  CA  . GLY A 1 41 ? -10.450 2.997   6.041   1.00 20.81 ? 39 GLY A CA  1 
ATOM   310 C  C   . GLY A 1 41 ? -9.097  2.354   5.830   1.00 21.32 ? 39 GLY A C   1 
ATOM   311 O  O   . GLY A 1 41 ? -8.780  1.383   6.495   1.00 22.39 ? 39 GLY A O   1 
ATOM   312 N  N   . GLY A 1 42 ? -8.284  2.886   4.924   1.00 21.33 ? 40 GLY A N   1 
ATOM   313 C  CA  . GLY A 1 42 ? -6.948  2.340   4.718   1.00 21.21 ? 40 GLY A CA  1 
ATOM   314 C  C   . GLY A 1 42 ? -5.979  2.761   5.813   1.00 21.22 ? 40 GLY A C   1 
ATOM   315 O  O   . GLY A 1 42 ? -6.347  3.514   6.712   1.00 21.69 ? 40 GLY A O   1 
ATOM   316 N  N   . ASN A 1 43 ? -4.739  2.277   5.728   1.00 20.41 ? 41 ASN A N   1 
ATOM   317 C  CA  . ASN A 1 43 ? -3.663  2.667   6.629   1.00 19.09 ? 41 ASN A CA  1 
ATOM   318 C  C   . ASN A 1 43 ? -2.478  3.297   5.879   1.00 18.40 ? 41 ASN A C   1 
ATOM   319 O  O   . ASN A 1 43 ? -2.634  3.790   4.754   1.00 17.86 ? 41 ASN A O   1 
ATOM   320 C  CB  . ASN A 1 43 ? -3.228  1.477   7.500   1.00 18.86 ? 41 ASN A CB  1 
ATOM   321 C  CG  . ASN A 1 43 ? -2.806  0.272   6.688   1.00 19.95 ? 41 ASN A CG  1 
ATOM   322 O  OD1 . ASN A 1 43 ? -2.427  0.387   5.521   1.00 21.60 ? 41 ASN A OD1 1 
ATOM   323 N  ND2 . ASN A 1 43 ? -2.871  -0.899  7.301   1.00 20.31 ? 41 ASN A ND2 1 
ATOM   324 N  N   . GLY A 1 44 ? -1.305  3.284   6.511   1.00 17.76 ? 42 GLY A N   1 
ATOM   325 C  CA  . GLY A 1 44 ? -0.119  3.966   5.996   1.00 16.59 ? 42 GLY A CA  1 
ATOM   326 C  C   . GLY A 1 44 ? 0.591   3.280   4.839   1.00 15.99 ? 42 GLY A C   1 
ATOM   327 O  O   . GLY A 1 44 ? 1.330   3.932   4.096   1.00 15.73 ? 42 GLY A O   1 
ATOM   328 N  N   . ASN A 1 45 ? 0.369   1.972   4.698   1.00 14.85 ? 43 ASN A N   1 
ATOM   329 C  CA  . ASN A 1 45 ? 0.950   1.168   3.634   1.00 13.76 ? 43 ASN A CA  1 
ATOM   330 C  C   . ASN A 1 45 ? 0.084   1.204   2.384   1.00 13.37 ? 43 ASN A C   1 
ATOM   331 O  O   . ASN A 1 45 ? -0.580  0.228   2.018   1.00 12.79 ? 43 ASN A O   1 
ATOM   332 C  CB  . ASN A 1 45 ? 1.127   -0.270  4.110   1.00 13.84 ? 43 ASN A CB  1 
ATOM   333 C  CG  . ASN A 1 45 ? 2.095   -1.054  3.243   1.00 13.92 ? 43 ASN A CG  1 
ATOM   334 O  OD1 . ASN A 1 45 ? 2.736   -0.500  2.353   1.00 13.38 ? 43 ASN A OD1 1 
ATOM   335 N  ND2 . ASN A 1 45 ? 2.203   -2.353  3.501   1.00 14.16 ? 43 ASN A ND2 1 
ATOM   336 N  N   . ASN A 1 46 ? 0.109   2.348   1.726   1.00 13.09 ? 44 ASN A N   1 
ATOM   337 C  CA  . ASN A 1 46 ? -0.834  2.677   0.687   1.00 13.43 ? 44 ASN A CA  1 
ATOM   338 C  C   . ASN A 1 46 ? -0.169  3.822   -0.011  1.00 13.69 ? 44 ASN A C   1 
ATOM   339 O  O   . ASN A 1 46 ? -0.070  4.908   0.549   1.00 13.71 ? 44 ASN A O   1 
ATOM   340 C  CB  . ASN A 1 46 ? -2.139  3.141   1.343   1.00 13.52 ? 44 ASN A CB  1 
ATOM   341 C  CG  . ASN A 1 46 ? -3.289  3.257   0.382   1.00 13.69 ? 44 ASN A CG  1 
ATOM   342 O  OD1 . ASN A 1 46 ? -3.179  3.862   -0.678  1.00 14.64 ? 44 ASN A OD1 1 
ATOM   343 N  ND2 . ASN A 1 46 ? -4.429  2.713   0.779   1.00 12.77 ? 44 ASN A ND2 1 
ATOM   344 N  N   . PHE A 1 47 ? 0.344   3.555   -1.208  1.00 13.86 ? 45 PHE A N   1 
ATOM   345 C  CA  . PHE A 1 47 ? 1.081   4.540   -1.965  1.00 13.90 ? 45 PHE A CA  1 
ATOM   346 C  C   . PHE A 1 47 ? 0.451   4.765   -3.319  1.00 14.78 ? 45 PHE A C   1 
ATOM   347 O  O   . PHE A 1 47 ? -0.079  3.851   -3.939  1.00 15.06 ? 45 PHE A O   1 
ATOM   348 C  CB  . PHE A 1 47 ? 2.540   4.107   -2.116  1.00 13.45 ? 45 PHE A CB  1 
ATOM   349 C  CG  . PHE A 1 47 ? 3.212   3.822   -0.814  1.00 12.84 ? 45 PHE A CG  1 
ATOM   350 C  CD1 . PHE A 1 47 ? 3.801   4.856   -0.079  1.00 12.71 ? 45 PHE A CD1 1 
ATOM   351 C  CD2 . PHE A 1 47 ? 3.240   2.528   -0.300  1.00 11.77 ? 45 PHE A CD2 1 
ATOM   352 C  CE1 . PHE A 1 47 ? 4.414   4.606   1.128   1.00 10.96 ? 45 PHE A CE1 1 
ATOM   353 C  CE2 . PHE A 1 47 ? 3.831   2.268   0.922   1.00 11.12 ? 45 PHE A CE2 1 
ATOM   354 C  CZ  . PHE A 1 47 ? 4.424   3.313   1.641   1.00 11.25 ? 45 PHE A CZ  1 
ATOM   355 N  N   . GLU A 1 48 ? 0.534   5.995   -3.783  1.00 15.96 ? 46 GLU A N   1 
ATOM   356 C  CA  . GLU A 1 48 ? -0.088  6.387   -5.020  1.00 18.25 ? 46 GLU A CA  1 
ATOM   357 C  C   . GLU A 1 48 ? 0.636   5.854   -6.247  1.00 16.95 ? 46 GLU A C   1 
ATOM   358 O  O   . GLU A 1 48 ? -0.001  5.563   -7.252  1.00 16.80 ? 46 GLU A O   1 
ATOM   359 C  CB  . GLU A 1 48 ? -0.253  7.912   -5.056  1.00 18.09 ? 46 GLU A CB  1 
ATOM   360 C  CG  . GLU A 1 48 ? -1.593  8.367   -4.436  1.00 21.95 ? 46 GLU A CG  1 
ATOM   361 C  CD  . GLU A 1 48 ? -1.630  9.843   -3.988  1.00 24.16 ? 46 GLU A CD  1 
ATOM   362 O  OE1 . GLU A 1 48 ? -0.552  10.524  -3.946  1.00 29.77 ? 46 GLU A OE1 1 
ATOM   363 O  OE2 . GLU A 1 48 ? -2.764  10.315  -3.664  1.00 30.47 ? 46 GLU A OE2 1 
ATOM   364 N  N   . THR A 1 49 ? 1.961   5.728   -6.160  1.00 16.52 ? 47 THR A N   1 
ATOM   365 C  CA  . THR A 1 49 ? 2.775   5.281   -7.284  1.00 16.02 ? 47 THR A CA  1 
ATOM   366 C  C   . THR A 1 49 ? 3.769   4.205   -6.860  1.00 16.30 ? 47 THR A C   1 
ATOM   367 O  O   . THR A 1 49 ? 4.074   4.069   -5.680  1.00 16.60 ? 47 THR A O   1 
ATOM   368 C  CB  . THR A 1 49 ? 3.544   6.447   -7.964  1.00 15.84 ? 47 THR A CB  1 
ATOM   369 O  OG1 . THR A 1 49 ? 4.510   6.971   -7.062  1.00 16.03 ? 47 THR A OG1 1 
ATOM   370 C  CG2 . THR A 1 49 ? 2.624   7.572   -8.380  1.00 15.18 ? 47 THR A CG2 1 
ATOM   371 N  N   . LEU A 1 50 ? 4.244   3.429   -7.836  1.00 16.37 ? 48 LEU A N   1 
ATOM   372 C  CA  . LEU A 1 50 ? 5.305   2.452   -7.657  1.00 16.30 ? 48 LEU A CA  1 
ATOM   373 C  C   . LEU A 1 50 ? 6.573   3.138   -7.188  1.00 17.58 ? 48 LEU A C   1 
ATOM   374 O  O   . LEU A 1 50 ? 7.288   2.624   -6.329  1.00 17.78 ? 48 LEU A O   1 
ATOM   375 C  CB  . LEU A 1 50 ? 5.609   1.785   -8.990  1.00 15.64 ? 48 LEU A CB  1 
ATOM   376 C  CG  . LEU A 1 50 ? 6.087   0.339   -9.064  1.00 13.01 ? 48 LEU A CG  1 
ATOM   377 C  CD1 . LEU A 1 50 ? 7.024   0.177   -10.219 1.00 9.16  ? 48 LEU A CD1 1 
ATOM   378 C  CD2 . LEU A 1 50 ? 6.695   -0.135  -7.785  1.00 7.57  ? 48 LEU A CD2 1 
ATOM   379 N  N   . HIS A 1 51 ? 6.860   4.299   -7.759  1.00 18.58 ? 49 HIS A N   1 
ATOM   380 C  CA  . HIS A 1 51 ? 8.051   5.023   -7.380  1.00 20.20 ? 49 HIS A CA  1 
ATOM   381 C  C   . HIS A 1 51 ? 8.020   5.480   -5.919  1.00 20.02 ? 49 HIS A C   1 
ATOM   382 O  O   . HIS A 1 51 ? 8.999   5.324   -5.211  1.00 20.87 ? 49 HIS A O   1 
ATOM   383 C  CB  . HIS A 1 51 ? 8.307   6.203   -8.319  1.00 20.99 ? 49 HIS A CB  1 
ATOM   384 C  CG  . HIS A 1 51 ? 9.543   6.968   -7.969  1.00 24.80 ? 49 HIS A CG  1 
ATOM   385 N  ND1 . HIS A 1 51 ? 9.522   8.309   -7.649  1.00 28.33 ? 49 HIS A ND1 1 
ATOM   386 C  CD2 . HIS A 1 51 ? 10.832  6.566   -7.837  1.00 27.07 ? 49 HIS A CD2 1 
ATOM   387 C  CE1 . HIS A 1 51 ? 10.749  8.703   -7.360  1.00 29.19 ? 49 HIS A CE1 1 
ATOM   388 N  NE2 . HIS A 1 51 ? 11.560  7.665   -7.459  1.00 28.34 ? 49 HIS A NE2 1 
ATOM   389 N  N   . GLN A 1 52 ? 6.886   6.013   -5.477  1.00 19.77 ? 50 GLN A N   1 
ATOM   390 C  CA  . GLN A 1 52 ? 6.677   6.446   -4.104  1.00 20.06 ? 50 GLN A CA  1 
ATOM   391 C  C   . GLN A 1 52 ? 6.906   5.305   -3.109  1.00 19.16 ? 50 GLN A C   1 
ATOM   392 O  O   . GLN A 1 52 ? 7.633   5.439   -2.142  1.00 19.21 ? 50 GLN A O   1 
ATOM   393 C  CB  . GLN A 1 52 ? 5.267   7.008   -3.999  1.00 19.76 ? 50 GLN A CB  1 
ATOM   394 C  CG  . GLN A 1 52 ? 4.884   7.689   -2.709  1.00 22.33 ? 50 GLN A CG  1 
ATOM   395 C  CD  . GLN A 1 52 ? 3.398   8.069   -2.691  1.00 23.07 ? 50 GLN A CD  1 
ATOM   396 O  OE1 . GLN A 1 52 ? 2.782   8.224   -1.628  1.00 25.70 ? 50 GLN A OE1 1 
ATOM   397 N  NE2 . GLN A 1 52 ? 2.816   8.228   -3.882  1.00 27.19 ? 50 GLN A NE2 1 
ATOM   398 N  N   . CYS A 1 53 ? 6.303   4.163   -3.370  1.00 19.05 ? 51 CYS A N   1 
ATOM   399 C  CA  . CYS A 1 53 ? 6.493   2.985   -2.542  1.00 19.04 ? 51 CYS A CA  1 
ATOM   400 C  C   . CYS A 1 53 ? 7.947   2.564   -2.442  1.00 19.81 ? 51 CYS A C   1 
ATOM   401 O  O   . CYS A 1 53 ? 8.417   2.226   -1.374  1.00 19.89 ? 51 CYS A O   1 
ATOM   402 C  CB  . CYS A 1 53 ? 5.651   1.838   -3.085  1.00 18.52 ? 51 CYS A CB  1 
ATOM   403 S  SG  . CYS A 1 53 ? 5.764   0.338   -2.141  1.00 17.94 ? 51 CYS A SG  1 
ATOM   404 N  N   . ARG A 1 54 ? 8.663   2.571   -3.558  1.00 21.07 ? 52 ARG A N   1 
ATOM   405 C  CA  . ARG A 1 54 ? 10.056  2.129   -3.543  1.00 21.91 ? 52 ARG A CA  1 
ATOM   406 C  C   . ARG A 1 54 ? 10.903  3.178   -2.858  1.00 22.17 ? 52 ARG A C   1 
ATOM   407 O  O   . ARG A 1 54 ? 11.721  2.832   -2.017  1.00 22.53 ? 52 ARG A O   1 
ATOM   408 C  CB  . ARG A 1 54 ? 10.582  1.833   -4.947  1.00 21.95 ? 52 ARG A CB  1 
ATOM   409 C  CG  . ARG A 1 54 ? 9.801   0.763   -5.648  1.00 24.47 ? 52 ARG A CG  1 
ATOM   410 C  CD  . ARG A 1 54 ? 10.678  -0.189  -6.385  1.00 29.64 ? 52 ARG A CD  1 
ATOM   411 N  NE  . ARG A 1 54 ? 10.781  0.167   -7.788  1.00 33.82 ? 52 ARG A NE  1 
ATOM   412 C  CZ  . ARG A 1 54 ? 10.443  -0.635  -8.798  1.00 35.88 ? 52 ARG A CZ  1 
ATOM   413 N  NH1 . ARG A 1 54 ? 9.981   -1.874  -8.587  1.00 35.46 ? 52 ARG A NH1 1 
ATOM   414 N  NH2 . ARG A 1 54 ? 10.587  -0.192  -10.036 1.00 37.17 ? 52 ARG A NH2 1 
ATOM   415 N  N   . ALA A 1 55 ? 10.689  4.452   -3.191  1.00 21.96 ? 53 ALA A N   1 
ATOM   416 C  CA  . ALA A 1 55 ? 11.413  5.525   -2.522  1.00 22.45 ? 53 ALA A CA  1 
ATOM   417 C  C   . ALA A 1 55 ? 11.275  5.427   -1.004  1.00 22.89 ? 53 ALA A C   1 
ATOM   418 O  O   . ALA A 1 55 ? 12.268  5.415   -0.314  1.00 23.55 ? 53 ALA A O   1 
ATOM   419 C  CB  . ALA A 1 55 ? 10.985  6.900   -3.032  1.00 22.37 ? 53 ALA A CB  1 
ATOM   420 N  N   . ILE A 1 56 ? 10.056  5.313   -0.485  1.00 23.43 ? 54 ILE A N   1 
ATOM   421 C  CA  . ILE A 1 56 ? 9.846   5.229   0.963   1.00 23.65 ? 54 ILE A CA  1 
ATOM   422 C  C   . ILE A 1 56 ? 10.259  3.878   1.569   1.00 24.69 ? 54 ILE A C   1 
ATOM   423 O  O   . ILE A 1 56 ? 10.877  3.837   2.616   1.00 25.01 ? 54 ILE A O   1 
ATOM   424 C  CB  . ILE A 1 56 ? 8.360   5.586   1.382   1.00 23.26 ? 54 ILE A CB  1 
ATOM   425 C  CG1 . ILE A 1 56 ? 7.869   6.932   0.805   1.00 22.83 ? 54 ILE A CG1 1 
ATOM   426 C  CG2 . ILE A 1 56 ? 8.167   5.511   2.870   1.00 22.11 ? 54 ILE A CG2 1 
ATOM   427 C  CD1 . ILE A 1 56 ? 8.848   8.104   0.840   1.00 23.79 ? 54 ILE A CD1 1 
ATOM   428 N  N   . CYS A 1 57 ? 9.918   2.764   0.939   1.00 26.10 ? 55 CYS A N   1 
ATOM   429 C  CA  . CYS A 1 57 ? 10.007  1.482   1.648   1.00 27.42 ? 55 CYS A CA  1 
ATOM   430 C  C   . CYS A 1 57 ? 11.227  0.610   1.380   1.00 29.22 ? 55 CYS A C   1 
ATOM   431 O  O   . CYS A 1 57 ? 11.457  -0.364  2.083   1.00 29.62 ? 55 CYS A O   1 
ATOM   432 C  CB  . CYS A 1 57 ? 8.751   0.652   1.415   1.00 26.87 ? 55 CYS A CB  1 
ATOM   433 S  SG  . CYS A 1 57 ? 7.282   1.230   2.217   1.00 25.16 ? 55 CYS A SG  1 
ATOM   434 N  N   . ARG A 1 58 ? 12.009  0.957   0.373   1.00 31.64 ? 56 ARG A N   1 
ATOM   435 C  CA  . ARG A 1 58 ? 13.049  0.068   -0.127  1.00 33.87 ? 56 ARG A CA  1 
ATOM   436 C  C   . ARG A 1 58 ? 14.424  0.743   -0.162  1.00 34.18 ? 56 ARG A C   1 
ATOM   437 O  O   . ARG A 1 58 ? 14.692  1.698   0.585   1.00 35.04 ? 56 ARG A O   1 
ATOM   438 C  CB  . ARG A 1 58 ? 12.639  -0.412  -1.514  1.00 34.35 ? 56 ARG A CB  1 
ATOM   439 C  CG  . ARG A 1 58 ? 13.351  -1.621  -1.985  1.00 38.50 ? 56 ARG A CG  1 
ATOM   440 C  CD  . ARG A 1 58 ? 12.434  -2.508  -2.814  1.00 45.08 ? 56 ARG A CD  1 
ATOM   441 N  NE  . ARG A 1 58 ? 13.188  -3.629  -3.380  1.00 51.25 ? 56 ARG A NE  1 
ATOM   442 C  CZ  . ARG A 1 58 ? 13.600  -4.701  -2.688  1.00 54.58 ? 56 ARG A CZ  1 
ATOM   443 N  NH1 . ARG A 1 58 ? 13.327  -4.827  -1.385  1.00 54.94 ? 56 ARG A NH1 1 
ATOM   444 N  NH2 . ARG A 1 58 ? 14.289  -5.663  -3.302  1.00 55.85 ? 56 ARG A NH2 1 
HETATM 445 CL CL  . CL  B 2 .  ? -9.149  -5.841  4.596   1.00 43.23 ? 59 CL  A CL  1 
HETATM 446 CL CL  . CL  C 2 .  ? -20.927 -0.593  10.438  1.00 42.74 ? 60 CL  A CL  1 
HETATM 447 CL CL  . CL  D 2 .  ? 11.059  3.427   -9.701  1.00 52.06 ? 61 CL  A CL  1 
HETATM 448 O  O   . HOH E 3 .  ? 1.199   6.123   2.625   1.00 6.01  ? 62 HOH A O   1 
HETATM 449 O  O   . HOH E 3 .  ? 5.863   5.000   -10.504 1.00 10.75 ? 63 HOH A O   1 
HETATM 450 O  O   . HOH E 3 .  ? 5.644   8.735   -9.970  1.00 41.28 ? 64 HOH A O   1 
HETATM 451 O  O   . HOH E 3 .  ? -12.289 0.126   9.153   1.00 39.36 ? 65 HOH A O   1 
HETATM 452 O  O   . HOH E 3 .  ? -17.345 -6.372  6.747   1.00 37.06 ? 66 HOH A O   1 
HETATM 453 O  O   . HOH E 3 .  ? -14.595 2.677   7.448   1.00 45.92 ? 67 HOH A O   1 
HETATM 454 O  O   . HOH E 3 .  ? -15.627 0.165   -8.147  1.00 26.11 ? 68 HOH A O   1 
HETATM 455 O  O   . HOH E 3 .  ? -15.834 3.561   -9.009  1.00 28.15 ? 69 HOH A O   1 
HETATM 456 O  O   . HOH E 3 .  ? -14.388 4.510   -7.363  1.00 23.87 ? 70 HOH A O   1 
HETATM 457 O  O   . HOH E 3 .  ? -0.387  -7.541  4.381   1.00 30.90 ? 71 HOH A O   1 
HETATM 458 O  O   . HOH E 3 .  ? 12.862  -10.940 -8.173  1.00 54.16 ? 72 HOH A O   1 
HETATM 459 O  O   . HOH E 3 .  ? 0.515   10.707  -8.181  1.00 29.23 ? 73 HOH A O   1 
HETATM 460 O  O   . HOH E 3 .  ? -5.145  5.281   3.224   1.00 44.80 ? 74 HOH A O   1 
HETATM 461 O  O   . HOH E 3 .  ? 14.188  3.871   -5.442  1.00 35.25 ? 75 HOH A O   1 
HETATM 462 O  O   . HOH E 3 .  ? 10.254  9.016   7.919   1.00 33.82 ? 76 HOH A O   1 
HETATM 463 O  O   . HOH E 3 .  ? 9.909   8.511   5.645   1.00 25.25 ? 77 HOH A O   1 
HETATM 464 O  O   . HOH E 3 .  ? 9.344   13.229  10.658  1.00 38.95 ? 78 HOH A O   1 
HETATM 465 O  O   . HOH E 3 .  ? -2.707  -1.000  3.050   1.00 8.96  ? 79 HOH A O   1 
HETATM 466 O  O   . HOH E 3 .  ? -4.823  0.716   2.814   1.00 10.13 ? 80 HOH A O   1 
HETATM 467 O  O   . HOH E 3 .  ? 3.116   3.749   -10.646 1.00 17.37 ? 81 HOH A O   1 
HETATM 468 O  O   . HOH E 3 .  ? 9.517   -3.318  -5.581  1.00 8.41  ? 82 HOH A O   1 
HETATM 469 O  O   . HOH E 3 .  ? -1.364  3.738   -8.727  1.00 30.93 ? 83 HOH A O   1 
HETATM 470 O  O   . HOH E 3 .  ? -5.211  5.620   -6.719  1.00 22.63 ? 84 HOH A O   1 
HETATM 471 O  O   . HOH E 3 .  ? -6.279  -6.158  -4.880  1.00 22.40 ? 85 HOH A O   1 
HETATM 472 O  O   . HOH E 3 .  ? -12.035 0.768   1.429   1.00 19.76 ? 86 HOH A O   1 
HETATM 473 O  O   . HOH E 3 .  ? -3.884  -1.340  9.919   1.00 35.97 ? 87 HOH A O   1 
# 
